data_3C6O
#
_entry.id   3C6O
#
_cell.length_a   102.264
_cell.length_b   80.836
_cell.length_c   124.748
_cell.angle_alpha   90.00
_cell.angle_beta   104.87
_cell.angle_gamma   90.00
#
_symmetry.space_group_name_H-M   'P 1 21 1'
#
loop_
_entity.id
_entity.type
_entity.pdbx_description
1 polymer 'SKP1-like protein 1A'
2 polymer 'TRANSPORT INHIBITOR RESPONSE 1'
3 non-polymer 'INOSITOL HEXAKISPHOSPHATE'
4 non-polymer '(2S)-2-(1H-indol-3-yl)hexanoic acid'
5 water water
#
loop_
_entity_poly.entity_id
_entity_poly.type
_entity_poly.pdbx_seq_one_letter_code
_entity_poly.pdbx_strand_id
1 'polypeptide(L)'
;MSAKKIVLKSSDGESFEVEEAVALESQTIAHMVEDDCVDNGVPLPNVTSKILAKVIEYCKRHVEAAASKAEAVEGAATSD
DDLKAWDADFMKIDQATLFELILAANYLNIKNLLDLTCQTVADMIKGKTPEEIRTTFNIKNDFTPEEEEEVRRENQWAFE
;
A
2 'polypeptide(L)'
;MQKRIALSFPEEVLEHVFSFIQLDKDRNSVSLVCKSWYEIERWCRRKVFIGNCYAVSPATVIRRFPKVRSVELKGKPHFA
DFNLVPDGWGGYVYPWIEAMSSSYTWLEEIRLKRMVVTDDCLELIAKSFKNFKVLVLSSCEGFSTDGLAAIAATCRNLKE
LDLRESDVDDVSGHWLSHFPDTYTSLVSLNISCLASEVSFSALERLVTRCPNLKSLKLNRAVPLEKLATLLQRAPQLEEL
GTGGYTAEVRPDVYSGLSVALSGCKELRCLSGFWDAVPAYLPAVYSVCSRLTTLNLSYATVQSYDLVKLLCQCPKLQRLW
VLDYIEDAGLEVLASTCKDLRELRVFPSEPFVMEPNVALTEQGLVSVSMGCPKLESVLYFCRQMTNAALITIARNRPNMT
RFRLCIIEPKAPDYLTLEPLDIGFGAIVEHCKDLRRLSLSGLLTDKVFEYIGTYAKKMEMLSVAFAGDSDLGMHHVLSGC
DSLRKLEIRDCPFGDKALLANASKLETMRSLWMSSCSVSFGACKLLGQKMPKLNVEVIDERGAPDSRPESCPVERVFIYR
TVAGPRFDMPGFVWNMDQDSTMRFSRQIITTNGL
;
B
#
# COMPACT_ATOMS: atom_id res chain seq x y z
N ALA A 23 -29.85 -36.39 0.16
CA ALA A 23 -31.15 -36.90 -0.26
C ALA A 23 -31.84 -37.60 0.89
N LEU A 24 -31.95 -36.91 2.02
CA LEU A 24 -31.07 -37.16 3.15
C LEU A 24 -29.90 -36.20 3.14
N GLU A 25 -29.90 -35.25 4.07
CA GLU A 25 -28.79 -34.33 4.19
C GLU A 25 -28.89 -33.54 5.48
N SER A 26 -29.84 -32.61 5.52
CA SER A 26 -30.10 -31.89 6.74
C SER A 26 -30.05 -32.86 7.92
N GLN A 27 -28.86 -33.03 8.48
CA GLN A 27 -28.74 -33.60 9.80
C GLN A 27 -29.91 -33.11 10.66
N THR A 28 -30.63 -32.13 10.13
CA THR A 28 -32.05 -31.99 10.40
C THR A 28 -32.83 -33.12 9.73
N ILE A 29 -32.45 -34.35 10.01
CA ILE A 29 -32.98 -35.50 9.27
C ILE A 29 -32.71 -36.80 10.00
N ALA A 30 -32.32 -37.82 9.25
CA ALA A 30 -30.93 -37.99 8.89
C ALA A 30 -30.06 -37.85 10.13
N ILE A 51 -43.38 -26.19 -1.79
CA ILE A 51 -42.36 -26.02 -0.75
C ILE A 51 -41.14 -26.96 -1.00
N LEU A 52 -41.42 -28.17 -1.52
CA LEU A 52 -40.47 -29.16 -2.10
C LEU A 52 -39.48 -28.57 -3.10
N ALA A 53 -39.67 -27.26 -3.32
CA ALA A 53 -39.31 -26.51 -4.53
C ALA A 53 -37.83 -26.52 -4.87
N LYS A 54 -37.49 -27.21 -5.97
CA LYS A 54 -36.11 -27.22 -6.51
C LYS A 54 -35.11 -27.83 -5.53
N VAL A 55 -35.58 -28.09 -4.30
CA VAL A 55 -34.80 -28.72 -3.24
C VAL A 55 -34.44 -30.09 -3.74
N ILE A 56 -35.43 -30.74 -4.34
CA ILE A 56 -35.30 -32.08 -4.81
C ILE A 56 -34.57 -32.05 -6.15
N GLU A 57 -34.93 -31.12 -7.03
CA GLU A 57 -34.21 -31.02 -8.30
C GLU A 57 -32.76 -30.46 -8.16
N TYR A 58 -32.07 -30.90 -7.10
CA TYR A 58 -30.73 -30.40 -6.75
C TYR A 58 -30.00 -31.45 -5.90
N LEU A 101 -37.29 -19.69 0.54
CA LEU A 101 -36.21 -19.86 -0.42
C LEU A 101 -35.00 -20.49 0.31
N ILE A 102 -34.40 -19.74 1.23
CA ILE A 102 -33.25 -20.21 1.97
C ILE A 102 -33.65 -20.94 3.22
N LEU A 103 -34.28 -20.23 4.14
CA LEU A 103 -35.56 -20.67 4.65
C LEU A 103 -36.10 -21.66 3.64
N ALA A 104 -35.58 -22.88 3.69
CA ALA A 104 -34.74 -23.31 4.79
C ALA A 104 -34.05 -24.61 4.42
N ALA A 105 -33.47 -24.65 3.23
CA ALA A 105 -32.03 -24.84 3.13
C ALA A 105 -31.47 -24.78 4.53
N ASN A 106 -31.41 -23.59 5.10
CA ASN A 106 -31.07 -23.44 6.49
C ASN A 106 -31.39 -24.72 7.23
N TYR A 107 -32.53 -25.29 6.91
CA TYR A 107 -33.47 -25.75 7.90
C TYR A 107 -32.86 -26.86 8.74
N LEU A 108 -33.40 -28.06 8.62
CA LEU A 108 -32.98 -28.99 7.58
C LEU A 108 -31.75 -28.48 6.83
N ASN A 109 -30.72 -29.31 6.76
CA ASN A 109 -29.38 -28.87 7.10
C ASN A 109 -28.41 -28.89 5.92
N ILE A 110 -28.85 -28.41 4.77
CA ILE A 110 -28.28 -28.86 3.52
C ILE A 110 -27.01 -28.09 3.19
N LYS A 111 -26.03 -28.19 4.06
CA LYS A 111 -24.93 -27.23 4.05
C LYS A 111 -24.82 -26.57 2.68
N ASN A 112 -24.46 -27.35 1.67
CA ASN A 112 -23.99 -26.76 0.44
C ASN A 112 -24.91 -25.67 -0.11
N LEU A 113 -26.23 -25.90 -0.06
CA LEU A 113 -27.16 -25.00 -0.73
C LEU A 113 -27.24 -23.64 -0.02
N LEU A 114 -27.11 -23.66 1.31
CA LEU A 114 -26.99 -22.46 2.13
C LEU A 114 -25.96 -21.55 1.52
N ASP A 115 -24.84 -22.16 1.15
CA ASP A 115 -23.76 -21.45 0.52
C ASP A 115 -24.16 -20.93 -0.87
N LEU A 116 -24.96 -21.72 -1.59
CA LEU A 116 -25.45 -21.33 -2.93
C LEU A 116 -26.27 -20.07 -2.83
N THR A 117 -27.22 -20.05 -1.91
CA THR A 117 -28.10 -18.90 -1.78
C THR A 117 -27.45 -17.69 -1.06
N CYS A 118 -26.73 -17.96 0.04
CA CYS A 118 -26.11 -16.90 0.84
C CYS A 118 -25.10 -16.08 0.03
N GLN A 119 -24.30 -16.76 -0.79
CA GLN A 119 -23.38 -16.05 -1.70
C GLN A 119 -24.11 -15.16 -2.71
N THR A 120 -25.24 -15.61 -3.26
CA THR A 120 -25.94 -14.78 -4.26
C THR A 120 -26.68 -13.62 -3.60
N VAL A 121 -27.27 -13.88 -2.43
CA VAL A 121 -27.81 -12.80 -1.58
C VAL A 121 -26.71 -11.77 -1.32
N ALA A 122 -25.61 -12.22 -0.73
CA ALA A 122 -24.49 -11.33 -0.51
C ALA A 122 -24.23 -10.41 -1.72
N ASP A 123 -24.59 -10.85 -2.92
CA ASP A 123 -24.33 -10.04 -4.12
C ASP A 123 -25.34 -8.95 -4.26
N MET A 124 -26.58 -9.32 -3.99
CA MET A 124 -27.63 -8.34 -3.75
C MET A 124 -27.11 -7.08 -3.05
N ILE A 125 -26.04 -7.25 -2.27
CA ILE A 125 -25.52 -6.20 -1.39
C ILE A 125 -24.18 -5.60 -1.87
N LYS A 126 -23.17 -6.43 -2.12
CA LYS A 126 -21.84 -5.91 -2.42
C LYS A 126 -22.05 -4.65 -3.24
N GLY A 127 -21.43 -3.55 -2.84
CA GLY A 127 -21.49 -2.30 -3.59
C GLY A 127 -22.80 -1.51 -3.58
N LYS A 128 -23.66 -1.75 -2.58
CA LYS A 128 -24.90 -0.98 -2.42
C LYS A 128 -24.87 -0.11 -1.16
N THR A 129 -25.35 1.14 -1.23
CA THR A 129 -25.50 2.00 -0.01
C THR A 129 -26.45 1.34 1.01
N PRO A 130 -26.44 1.84 2.27
CA PRO A 130 -27.28 1.25 3.31
C PRO A 130 -28.77 1.44 3.03
N GLU A 131 -29.11 2.57 2.42
CA GLU A 131 -30.48 2.83 1.99
C GLU A 131 -30.87 1.84 0.86
N GLU A 132 -30.07 1.85 -0.22
CA GLU A 132 -30.27 0.97 -1.37
C GLU A 132 -30.60 -0.46 -0.97
N ILE A 133 -29.95 -0.93 0.08
CA ILE A 133 -30.17 -2.27 0.60
C ILE A 133 -31.53 -2.33 1.25
N ARG A 134 -31.78 -1.42 2.18
CA ARG A 134 -32.99 -1.54 3.01
C ARG A 134 -34.27 -1.30 2.22
N THR A 135 -34.16 -0.45 1.18
CA THR A 135 -35.12 -0.44 0.09
C THR A 135 -35.30 -1.91 -0.29
N THR A 136 -34.34 -2.48 -1.03
CA THR A 136 -34.51 -3.77 -1.72
C THR A 136 -34.76 -5.02 -0.83
N PHE A 137 -34.86 -4.80 0.49
CA PHE A 137 -35.43 -5.78 1.40
C PHE A 137 -36.76 -5.25 1.91
N ASN A 138 -37.02 -5.42 3.20
CA ASN A 138 -38.04 -4.62 3.82
C ASN A 138 -37.66 -4.24 5.21
N ILE A 139 -36.37 -3.95 5.39
CA ILE A 139 -35.97 -3.36 6.63
C ILE A 139 -36.13 -1.88 6.40
N LYS A 140 -37.03 -1.31 7.19
CA LYS A 140 -37.08 0.13 7.31
C LYS A 140 -36.11 0.46 8.45
N ASN A 141 -35.38 1.55 8.23
CA ASN A 141 -34.51 2.14 9.21
C ASN A 141 -35.13 2.20 10.61
N ASP A 142 -34.33 1.91 11.63
CA ASP A 142 -34.66 2.22 13.03
C ASP A 142 -33.47 2.83 13.71
N PHE A 143 -32.83 3.72 12.95
CA PHE A 143 -31.66 4.48 13.35
C PHE A 143 -32.08 5.94 13.43
N THR A 144 -32.00 6.50 14.63
CA THR A 144 -32.32 7.91 14.76
C THR A 144 -31.05 8.69 14.55
N PRO A 145 -31.03 9.53 13.49
CA PRO A 145 -29.89 10.31 13.00
C PRO A 145 -28.77 10.55 14.00
N GLU A 146 -29.09 10.83 15.25
CA GLU A 146 -28.09 10.86 16.32
C GLU A 146 -27.06 9.72 16.17
N GLU A 147 -27.58 8.51 16.01
CA GLU A 147 -26.76 7.31 15.98
C GLU A 147 -26.38 7.04 14.54
N GLU A 148 -27.35 7.09 13.63
CA GLU A 148 -27.04 6.87 12.23
C GLU A 148 -25.84 7.71 11.77
N GLU A 149 -25.73 8.96 12.21
CA GLU A 149 -24.56 9.77 11.86
C GLU A 149 -23.30 9.31 12.58
N GLU A 150 -23.42 8.93 13.85
CA GLU A 150 -22.25 8.65 14.65
C GLU A 150 -21.61 7.36 14.23
N VAL A 151 -22.41 6.45 13.70
CA VAL A 151 -21.87 5.24 13.17
C VAL A 151 -21.09 5.57 11.88
N ARG A 152 -21.77 6.27 10.96
CA ARG A 152 -21.20 6.59 9.63
C ARG A 152 -19.89 7.29 9.79
N ARG A 153 -19.77 8.04 10.87
CA ARG A 153 -18.52 8.65 11.14
C ARG A 153 -17.41 7.62 11.54
N GLU A 154 -17.64 6.80 12.57
CA GLU A 154 -16.72 5.72 12.95
C GLU A 154 -16.29 4.93 11.70
N ASN A 155 -17.28 4.35 11.00
CA ASN A 155 -17.09 3.61 9.78
C ASN A 155 -16.06 4.24 8.85
N GLN A 156 -16.34 5.49 8.44
CA GLN A 156 -15.52 6.17 7.46
C GLN A 156 -14.23 6.73 8.02
N TRP A 157 -14.22 7.21 9.23
CA TRP A 157 -13.05 7.94 9.66
C TRP A 157 -11.99 6.97 10.10
N ALA A 158 -12.49 5.87 10.66
CA ALA A 158 -11.68 4.85 11.33
C ALA A 158 -11.59 3.48 10.66
N PHE A 159 -12.60 3.08 9.89
CA PHE A 159 -12.60 1.73 9.34
C PHE A 159 -12.56 1.64 7.83
N GLU A 160 -12.32 2.74 7.13
CA GLU A 160 -12.28 2.65 5.68
C GLU A 160 -10.99 3.20 5.24
N PRO B 10 -32.87 -13.57 9.06
CA PRO B 10 -33.10 -14.37 10.26
C PRO B 10 -31.82 -14.98 10.84
N GLU B 11 -31.26 -14.34 11.87
CA GLU B 11 -29.85 -14.49 12.33
C GLU B 11 -28.81 -15.47 11.69
N GLU B 12 -28.97 -16.79 11.88
CA GLU B 12 -28.03 -17.78 11.29
C GLU B 12 -27.76 -17.45 9.83
N VAL B 13 -28.84 -17.24 9.06
CA VAL B 13 -28.74 -17.01 7.63
C VAL B 13 -27.95 -15.74 7.39
N LEU B 14 -28.24 -14.72 8.20
CA LEU B 14 -27.52 -13.44 8.11
C LEU B 14 -26.01 -13.58 8.35
N GLU B 15 -25.60 -14.10 9.51
CA GLU B 15 -24.24 -14.55 9.72
C GLU B 15 -23.59 -15.02 8.41
N HIS B 16 -24.22 -16.01 7.78
CA HIS B 16 -23.66 -16.71 6.62
C HIS B 16 -23.61 -15.84 5.38
N VAL B 17 -24.70 -15.12 5.12
CA VAL B 17 -24.68 -14.13 4.04
C VAL B 17 -23.53 -13.16 4.30
N PHE B 18 -23.32 -12.77 5.55
CA PHE B 18 -22.35 -11.74 5.88
C PHE B 18 -20.91 -12.22 5.66
N SER B 19 -20.68 -13.52 5.85
CA SER B 19 -19.34 -14.09 5.68
C SER B 19 -18.86 -13.86 4.26
N PHE B 20 -19.79 -13.83 3.31
CA PHE B 20 -19.47 -13.59 1.90
C PHE B 20 -19.05 -12.19 1.60
N ILE B 21 -19.27 -11.29 2.54
CA ILE B 21 -19.01 -9.90 2.30
C ILE B 21 -17.74 -9.62 3.03
N GLN B 22 -16.69 -9.21 2.32
CA GLN B 22 -15.36 -9.06 2.97
C GLN B 22 -14.73 -7.70 2.74
N LEU B 23 -15.46 -6.85 2.05
CA LEU B 23 -14.98 -5.54 1.66
C LEU B 23 -15.27 -4.59 2.74
N ASP B 24 -14.29 -3.83 3.18
CA ASP B 24 -14.55 -2.90 4.25
C ASP B 24 -15.75 -2.02 3.92
N LYS B 25 -15.74 -1.37 2.76
CA LYS B 25 -16.88 -0.51 2.34
C LYS B 25 -18.23 -1.21 2.32
N ASP B 26 -18.24 -2.50 2.01
CA ASP B 26 -19.47 -3.26 2.03
C ASP B 26 -19.81 -3.59 3.47
N ARG B 27 -18.81 -3.77 4.32
CA ARG B 27 -19.05 -4.14 5.71
C ARG B 27 -19.77 -3.00 6.47
N ASN B 28 -19.09 -1.86 6.58
CA ASN B 28 -19.65 -0.56 6.88
C ASN B 28 -21.06 -0.36 6.37
N SER B 29 -21.28 -0.75 5.13
CA SER B 29 -22.53 -0.49 4.52
C SER B 29 -23.57 -1.36 5.16
N VAL B 30 -23.27 -2.63 5.39
CA VAL B 30 -24.23 -3.45 6.16
C VAL B 30 -24.44 -2.98 7.58
N SER B 31 -23.45 -2.38 8.21
CA SER B 31 -23.59 -2.12 9.62
C SER B 31 -24.61 -0.99 9.81
N LEU B 32 -24.85 -0.23 8.74
CA LEU B 32 -25.74 0.93 8.78
C LEU B 32 -27.13 0.69 8.23
N VAL B 33 -27.54 -0.56 8.08
CA VAL B 33 -28.85 -0.72 7.50
C VAL B 33 -29.83 -0.66 8.63
N CYS B 34 -29.53 -1.32 9.74
CA CYS B 34 -30.38 -1.18 10.94
C CYS B 34 -29.59 -1.63 12.14
N LYS B 35 -30.13 -1.40 13.34
CA LYS B 35 -29.51 -1.80 14.62
C LYS B 35 -29.13 -3.28 14.62
N SER B 36 -30.04 -4.09 14.10
CA SER B 36 -29.87 -5.53 14.12
C SER B 36 -28.74 -6.02 13.22
N TRP B 37 -28.65 -5.49 12.00
CA TRP B 37 -27.50 -5.72 11.14
C TRP B 37 -26.24 -5.09 11.73
N TYR B 38 -26.33 -3.91 12.34
CA TYR B 38 -25.18 -3.36 13.02
C TYR B 38 -24.62 -4.37 13.96
N GLU B 39 -25.50 -5.15 14.56
CA GLU B 39 -25.08 -6.01 15.66
C GLU B 39 -24.47 -7.36 15.22
N ILE B 40 -25.19 -8.09 14.38
CA ILE B 40 -24.65 -9.31 13.80
C ILE B 40 -23.28 -9.02 13.15
N GLU B 41 -23.24 -7.96 12.35
CA GLU B 41 -22.08 -7.59 11.57
C GLU B 41 -20.86 -7.37 12.41
N ARG B 42 -20.95 -6.66 13.52
CA ARG B 42 -19.71 -6.43 14.26
C ARG B 42 -19.18 -7.72 14.82
N TRP B 43 -20.10 -8.58 15.16
CA TRP B 43 -19.69 -9.77 15.87
C TRP B 43 -18.94 -10.78 14.97
N CYS B 44 -19.22 -10.73 13.67
CA CYS B 44 -18.58 -11.64 12.78
C CYS B 44 -17.71 -10.89 11.77
N ARG B 45 -17.20 -9.75 12.20
CA ARG B 45 -16.13 -9.06 11.47
C ARG B 45 -14.70 -9.59 11.76
N ARG B 46 -14.07 -10.09 10.67
CA ARG B 46 -12.83 -10.86 10.68
C ARG B 46 -11.62 -9.98 10.64
N LYS B 47 -11.65 -8.93 9.81
CA LYS B 47 -10.53 -7.97 9.75
C LYS B 47 -10.95 -6.50 9.82
N VAL B 48 -10.09 -5.71 10.44
CA VAL B 48 -10.22 -4.27 10.39
C VAL B 48 -9.07 -3.57 9.68
N PHE B 49 -9.39 -2.60 8.84
CA PHE B 49 -8.33 -1.78 8.22
C PHE B 49 -8.28 -0.42 8.90
N ILE B 50 -7.16 -0.07 9.52
CA ILE B 50 -7.11 1.24 10.14
C ILE B 50 -6.02 2.08 9.50
N GLY B 51 -6.36 2.83 8.44
CA GLY B 51 -5.37 3.59 7.68
C GLY B 51 -4.64 4.73 8.40
N ASN B 52 -5.10 5.10 9.59
CA ASN B 52 -4.46 6.19 10.31
C ASN B 52 -4.61 5.86 11.76
N CYS B 53 -3.51 5.57 12.43
CA CYS B 53 -3.68 4.82 13.63
C CYS B 53 -4.20 5.77 14.71
N TYR B 54 -3.98 7.06 14.46
CA TYR B 54 -4.47 8.09 15.42
C TYR B 54 -5.94 8.50 15.18
N ALA B 55 -6.57 7.96 14.14
CA ALA B 55 -7.96 8.26 13.87
C ALA B 55 -8.97 7.64 14.83
N VAL B 56 -8.52 6.84 15.79
CA VAL B 56 -9.45 6.02 16.53
C VAL B 56 -8.61 5.35 17.58
N SER B 57 -9.25 4.72 18.54
CA SER B 57 -8.42 4.18 19.62
C SER B 57 -8.50 2.65 19.70
N PRO B 58 -7.41 2.05 20.21
CA PRO B 58 -7.44 0.62 20.42
C PRO B 58 -8.78 0.22 21.06
N ALA B 59 -9.06 0.81 22.22
CA ALA B 59 -10.28 0.47 22.94
C ALA B 59 -11.51 0.66 22.07
N THR B 60 -11.58 1.70 21.25
CA THR B 60 -12.83 1.83 20.49
C THR B 60 -12.98 0.63 19.59
N VAL B 61 -11.86 0.20 18.97
CA VAL B 61 -11.82 -0.88 17.94
C VAL B 61 -12.14 -2.15 18.69
N ILE B 62 -11.33 -2.43 19.71
CA ILE B 62 -11.56 -3.69 20.44
C ILE B 62 -13.03 -3.81 20.85
N ARG B 63 -13.66 -2.73 21.31
CA ARG B 63 -14.99 -2.88 21.87
C ARG B 63 -16.10 -3.02 20.79
N ARG B 64 -15.89 -2.46 19.60
CA ARG B 64 -16.88 -2.67 18.54
C ARG B 64 -16.82 -4.02 17.87
N PHE B 65 -15.57 -4.43 17.55
CA PHE B 65 -15.31 -5.63 16.72
C PHE B 65 -14.46 -6.60 17.54
N PRO B 66 -15.15 -7.44 18.33
CA PRO B 66 -14.44 -8.17 19.37
C PRO B 66 -13.83 -9.49 18.91
N LYS B 67 -14.35 -10.04 17.83
CA LYS B 67 -13.93 -11.36 17.37
C LYS B 67 -13.00 -11.26 16.16
N VAL B 68 -12.13 -10.26 16.20
CA VAL B 68 -11.29 -9.89 15.08
C VAL B 68 -10.07 -10.80 14.98
N ARG B 69 -9.82 -11.26 13.76
CA ARG B 69 -8.69 -12.15 13.45
C ARG B 69 -7.52 -11.52 12.70
N SER B 70 -7.62 -10.25 12.32
CA SER B 70 -6.66 -9.66 11.39
C SER B 70 -6.74 -8.17 11.46
N VAL B 71 -5.62 -7.55 11.70
CA VAL B 71 -5.59 -6.13 11.95
C VAL B 71 -4.55 -5.47 11.06
N GLU B 72 -4.95 -4.44 10.34
CA GLU B 72 -3.94 -3.65 9.63
C GLU B 72 -3.84 -2.21 10.14
N LEU B 73 -2.63 -1.73 10.42
CA LEU B 73 -2.45 -0.37 10.91
C LEU B 73 -1.43 0.47 10.15
N LYS B 74 -1.77 1.68 9.67
CA LYS B 74 -0.74 2.56 9.10
C LYS B 74 -0.43 3.73 10.05
N GLY B 75 0.85 4.08 10.20
CA GLY B 75 1.38 5.01 11.19
C GLY B 75 1.62 6.35 10.53
N LYS B 76 2.85 6.84 10.55
CA LYS B 76 3.27 8.04 9.84
C LYS B 76 2.69 8.24 8.46
N PRO B 77 2.63 9.50 8.03
CA PRO B 77 2.16 9.65 6.63
C PRO B 77 3.26 9.41 5.60
N HIS B 78 2.83 9.26 4.35
CA HIS B 78 3.73 9.06 3.26
C HIS B 78 5.03 9.92 3.18
N PHE B 79 4.95 11.23 3.39
CA PHE B 79 6.16 12.07 3.32
C PHE B 79 7.20 11.78 4.42
N ALA B 80 6.95 10.73 5.22
CA ALA B 80 8.03 10.19 6.06
C ALA B 80 9.12 9.53 5.20
N ASP B 81 8.72 9.03 4.04
CA ASP B 81 9.65 8.34 3.13
C ASP B 81 10.59 9.32 2.55
N PHE B 82 10.30 10.62 2.67
CA PHE B 82 11.21 11.66 2.18
C PHE B 82 11.99 12.33 3.31
N ASN B 83 12.02 11.68 4.49
CA ASN B 83 12.63 12.31 5.67
C ASN B 83 11.99 13.58 6.23
N LEU B 84 10.71 13.81 5.92
CA LEU B 84 10.06 15.06 6.29
C LEU B 84 9.27 14.95 7.62
N VAL B 85 9.28 13.77 8.24
CA VAL B 85 8.76 13.56 9.60
C VAL B 85 9.91 13.14 10.54
N PRO B 86 10.32 14.03 11.43
CA PRO B 86 11.41 13.79 12.38
C PRO B 86 11.09 12.68 13.33
N ASP B 87 12.12 12.10 13.94
CA ASP B 87 11.96 10.89 14.79
C ASP B 87 11.27 11.26 16.06
N GLY B 88 10.55 10.30 16.61
CA GLY B 88 9.84 10.54 17.83
C GLY B 88 8.46 11.03 17.51
N TRP B 89 8.27 11.61 16.31
CA TRP B 89 6.95 12.07 15.86
C TRP B 89 5.81 11.23 16.37
N GLY B 90 5.93 9.92 16.30
CA GLY B 90 4.86 9.05 16.72
C GLY B 90 4.90 7.83 15.83
N GLY B 91 3.76 7.11 15.81
CA GLY B 91 3.63 5.84 15.16
C GLY B 91 3.63 4.61 16.07
N TYR B 92 3.68 4.79 17.38
CA TYR B 92 3.94 3.68 18.27
C TYR B 92 2.83 2.63 18.26
N VAL B 93 3.17 1.39 18.02
CA VAL B 93 2.16 0.37 17.95
C VAL B 93 1.89 -0.35 19.31
N TYR B 94 2.82 -0.18 20.26
CA TYR B 94 2.68 -0.85 21.53
C TYR B 94 1.25 -0.84 22.09
N PRO B 95 0.65 0.38 22.28
CA PRO B 95 -0.69 0.53 22.75
C PRO B 95 -1.68 -0.40 22.07
N TRP B 96 -1.52 -0.60 20.77
CA TRP B 96 -2.34 -1.57 20.05
C TRP B 96 -2.12 -3.06 20.46
N ILE B 97 -0.85 -3.46 20.61
CA ILE B 97 -0.56 -4.83 20.97
C ILE B 97 -1.12 -5.13 22.38
N GLU B 98 -0.70 -4.33 23.36
CA GLU B 98 -1.29 -4.32 24.71
C GLU B 98 -2.79 -4.43 24.70
N ALA B 99 -3.45 -3.51 24.01
CA ALA B 99 -4.88 -3.55 24.01
C ALA B 99 -5.34 -4.86 23.45
N MET B 100 -4.92 -5.20 22.23
CA MET B 100 -5.35 -6.46 21.60
C MET B 100 -4.83 -7.71 22.32
N SER B 101 -3.64 -7.59 22.93
CA SER B 101 -3.04 -8.70 23.64
C SER B 101 -4.01 -9.41 24.55
N SER B 102 -4.67 -8.67 25.42
CA SER B 102 -5.65 -9.27 26.31
C SER B 102 -7.04 -9.47 25.69
N SER B 103 -7.38 -8.73 24.65
CA SER B 103 -8.73 -8.83 24.10
C SER B 103 -8.87 -9.80 22.96
N TYR B 104 -7.84 -9.93 22.12
CA TYR B 104 -7.94 -10.65 20.82
C TYR B 104 -7.19 -12.00 20.82
N THR B 105 -7.70 -12.97 21.55
CA THR B 105 -7.01 -14.27 21.67
C THR B 105 -6.80 -14.96 20.29
N TRP B 106 -7.89 -15.19 19.59
CA TRP B 106 -7.84 -15.74 18.27
C TRP B 106 -7.19 -14.83 17.15
N LEU B 107 -6.34 -13.85 17.53
CA LEU B 107 -5.70 -12.95 16.49
C LEU B 107 -4.64 -13.62 15.64
N GLU B 108 -4.81 -13.53 14.32
CA GLU B 108 -3.88 -14.17 13.37
C GLU B 108 -2.91 -13.30 12.56
N GLU B 109 -3.34 -12.16 12.06
CA GLU B 109 -2.45 -11.32 11.23
C GLU B 109 -2.37 -9.92 11.76
N ILE B 110 -1.18 -9.37 11.73
CA ILE B 110 -0.91 -7.97 12.01
C ILE B 110 -0.08 -7.35 10.86
N ARG B 111 -0.65 -6.50 10.04
CA ARG B 111 0.14 -5.84 8.98
C ARG B 111 0.28 -4.39 9.41
N LEU B 112 1.49 -3.96 9.68
CA LEU B 112 1.69 -2.59 10.08
C LEU B 112 2.39 -1.82 8.99
N LYS B 113 2.05 -0.57 8.76
CA LYS B 113 2.87 0.20 7.86
C LYS B 113 3.33 1.49 8.47
N ARG B 114 4.64 1.73 8.41
CA ARG B 114 5.24 2.98 8.84
C ARG B 114 4.92 3.24 10.32
N MET B 115 5.12 2.24 11.17
CA MET B 115 4.91 2.41 12.62
C MET B 115 6.19 2.13 13.31
N VAL B 116 6.25 2.52 14.58
CA VAL B 116 7.33 2.13 15.46
C VAL B 116 6.94 0.80 16.17
N VAL B 117 7.85 -0.15 16.08
CA VAL B 117 7.61 -1.51 16.56
C VAL B 117 8.86 -1.90 17.30
N THR B 118 8.73 -2.43 18.52
CA THR B 118 9.94 -2.71 19.30
C THR B 118 9.99 -4.15 19.68
N ASP B 119 11.18 -4.52 20.18
CA ASP B 119 11.42 -5.90 20.58
C ASP B 119 10.36 -6.36 21.56
N ASP B 120 9.90 -5.44 22.39
CA ASP B 120 8.87 -5.69 23.37
C ASP B 120 7.52 -6.01 22.81
N CYS B 121 7.17 -5.34 21.71
CA CYS B 121 5.96 -5.61 20.94
C CYS B 121 5.99 -6.98 20.32
N LEU B 122 7.16 -7.27 19.73
CA LEU B 122 7.32 -8.51 19.02
C LEU B 122 7.17 -9.61 20.03
N GLU B 123 7.88 -9.48 21.14
CA GLU B 123 7.71 -10.41 22.25
C GLU B 123 6.28 -10.64 22.64
N LEU B 124 5.53 -9.56 22.73
CA LEU B 124 4.19 -9.60 23.29
C LEU B 124 3.27 -10.22 22.28
N ILE B 125 3.57 -9.98 21.00
CA ILE B 125 2.80 -10.62 19.94
C ILE B 125 3.02 -12.10 20.11
N ALA B 126 4.31 -12.45 20.20
CA ALA B 126 4.75 -13.81 20.26
C ALA B 126 4.10 -14.52 21.43
N LYS B 127 3.96 -13.83 22.57
CA LYS B 127 3.51 -14.43 23.82
C LYS B 127 2.00 -14.54 23.85
N SER B 128 1.30 -13.53 23.34
CA SER B 128 -0.15 -13.49 23.46
C SER B 128 -0.91 -14.21 22.39
N PHE B 129 -0.30 -14.37 21.21
CA PHE B 129 -1.03 -14.85 20.02
C PHE B 129 -0.64 -16.29 19.59
N LYS B 130 -1.50 -17.24 19.94
CA LYS B 130 -1.18 -18.66 19.74
C LYS B 130 -1.40 -19.10 18.29
N ASN B 131 -2.58 -18.80 17.75
CA ASN B 131 -2.82 -18.96 16.35
C ASN B 131 -2.16 -17.90 15.45
N PHE B 132 -1.12 -17.22 15.90
CA PHE B 132 -0.58 -16.11 15.10
C PHE B 132 0.10 -16.52 13.80
N LYS B 133 -0.43 -16.12 12.64
CA LYS B 133 0.14 -16.57 11.35
C LYS B 133 0.85 -15.54 10.44
N VAL B 134 0.47 -14.26 10.44
CA VAL B 134 0.97 -13.38 9.40
C VAL B 134 1.51 -12.14 10.04
N LEU B 135 2.82 -11.88 10.02
CA LEU B 135 3.40 -10.58 10.44
C LEU B 135 4.03 -9.93 9.23
N VAL B 136 3.45 -8.86 8.70
CA VAL B 136 4.09 -8.01 7.67
C VAL B 136 4.54 -6.73 8.33
N LEU B 137 5.80 -6.33 8.18
CA LEU B 137 6.22 -5.02 8.70
C LEU B 137 6.78 -4.10 7.62
N SER B 138 5.86 -3.41 6.97
CA SER B 138 6.16 -2.63 5.77
C SER B 138 6.67 -1.31 6.23
N SER B 139 7.95 -1.06 5.98
CA SER B 139 8.54 0.20 6.31
C SER B 139 8.51 0.57 7.79
N CYS B 140 8.54 -0.39 8.68
CA CYS B 140 8.60 -0.09 10.08
C CYS B 140 10.04 0.16 10.54
N GLU B 141 10.16 0.58 11.80
CA GLU B 141 11.43 0.70 12.50
C GLU B 141 11.29 0.46 13.98
N GLY B 142 12.42 0.47 14.66
CA GLY B 142 12.42 0.34 16.10
C GLY B 142 12.53 -1.02 16.76
N PHE B 143 12.72 -2.09 15.99
CA PHE B 143 13.06 -3.41 16.59
C PHE B 143 14.42 -3.87 16.10
N SER B 144 14.96 -4.91 16.71
CA SER B 144 16.22 -5.50 16.25
C SER B 144 15.98 -7.00 16.04
N THR B 145 17.01 -7.70 15.56
CA THR B 145 16.92 -9.15 15.33
C THR B 145 16.57 -9.98 16.58
N ASP B 146 16.82 -9.43 17.79
CA ASP B 146 16.38 -10.09 19.04
C ASP B 146 14.90 -10.23 19.03
N GLY B 147 14.25 -9.19 18.49
CA GLY B 147 12.80 -9.15 18.30
C GLY B 147 12.34 -10.26 17.40
N LEU B 148 13.02 -10.39 16.25
CA LEU B 148 12.67 -11.44 15.28
C LEU B 148 12.95 -12.80 15.86
N ALA B 149 14.05 -12.94 16.62
CA ALA B 149 14.35 -14.20 17.31
C ALA B 149 13.11 -14.63 18.05
N ALA B 150 12.68 -13.74 18.95
CA ALA B 150 11.49 -13.92 19.74
C ALA B 150 10.29 -14.48 18.94
N ILE B 151 10.07 -13.96 17.75
CA ILE B 151 9.03 -14.48 16.84
C ILE B 151 9.33 -15.87 16.28
N ALA B 152 10.54 -16.04 15.78
CA ALA B 152 11.07 -17.36 15.34
C ALA B 152 10.86 -18.51 16.34
N ALA B 153 11.38 -18.30 17.56
CA ALA B 153 11.22 -19.21 18.69
C ALA B 153 9.75 -19.54 18.99
N THR B 154 8.92 -18.51 19.16
CA THR B 154 7.64 -18.73 19.80
C THR B 154 6.42 -19.05 18.95
N CYS B 155 6.36 -18.56 17.71
CA CYS B 155 5.08 -18.60 16.93
C CYS B 155 4.85 -19.87 16.16
N ARG B 156 4.41 -20.88 16.88
CA ARG B 156 4.37 -22.22 16.31
C ARG B 156 3.69 -22.30 14.90
N ASN B 157 2.63 -21.53 14.68
CA ASN B 157 1.85 -21.57 13.44
C ASN B 157 2.22 -20.52 12.37
N LEU B 158 3.31 -19.77 12.54
CA LEU B 158 3.60 -18.69 11.62
C LEU B 158 3.60 -19.08 10.13
N LYS B 159 3.13 -18.19 9.26
CA LYS B 159 3.11 -18.47 7.85
C LYS B 159 3.81 -17.39 6.98
N GLU B 160 3.73 -16.14 7.43
CA GLU B 160 4.41 -15.05 6.73
C GLU B 160 5.25 -14.28 7.66
N LEU B 161 6.50 -14.08 7.28
CA LEU B 161 7.36 -13.14 7.97
C LEU B 161 7.95 -12.20 6.90
N ASP B 162 7.26 -11.08 6.72
CA ASP B 162 7.49 -10.21 5.60
C ASP B 162 8.02 -8.86 6.08
N LEU B 163 9.32 -8.61 5.94
CA LEU B 163 9.87 -7.42 6.48
C LEU B 163 10.08 -6.34 5.42
N ARG B 164 9.29 -6.32 4.35
CA ARG B 164 9.53 -5.28 3.33
C ARG B 164 9.85 -3.89 3.82
N GLU B 165 11.03 -3.42 3.40
CA GLU B 165 11.63 -2.14 3.72
C GLU B 165 11.89 -1.72 5.09
N SER B 166 11.73 -2.59 6.05
CA SER B 166 11.89 -2.11 7.37
C SER B 166 13.33 -1.81 7.69
N ASP B 167 13.48 -0.88 8.62
CA ASP B 167 14.76 -0.51 9.16
C ASP B 167 15.05 -1.39 10.42
N VAL B 168 15.79 -2.47 10.25
CA VAL B 168 16.17 -3.29 11.43
C VAL B 168 17.52 -2.98 12.14
N ASP B 169 17.50 -3.11 13.46
CA ASP B 169 18.76 -3.08 14.14
C ASP B 169 19.49 -4.43 13.91
N ASP B 170 20.67 -4.33 13.29
CA ASP B 170 21.51 -5.53 13.11
C ASP B 170 22.36 -5.87 14.34
N VAL B 171 21.80 -6.76 15.13
CA VAL B 171 22.56 -7.40 16.14
C VAL B 171 23.26 -8.58 15.45
N SER B 172 22.48 -9.53 14.92
CA SER B 172 23.04 -10.75 14.35
C SER B 172 22.04 -11.56 13.49
N GLY B 173 22.51 -12.01 12.34
CA GLY B 173 21.74 -12.93 11.53
C GLY B 173 21.34 -14.25 12.20
N HIS B 174 21.70 -14.37 13.49
CA HIS B 174 21.37 -15.52 14.38
C HIS B 174 19.90 -15.71 14.76
N TRP B 175 19.06 -14.68 14.56
CA TRP B 175 17.63 -14.77 14.88
C TRP B 175 16.98 -15.91 14.12
N LEU B 176 17.32 -16.05 12.83
CA LEU B 176 16.66 -17.01 11.94
C LEU B 176 16.75 -18.47 12.42
N SER B 177 17.88 -18.84 13.02
CA SER B 177 18.08 -20.20 13.47
C SER B 177 17.30 -20.55 14.72
N HIS B 178 16.63 -19.58 15.35
CA HIS B 178 15.70 -19.90 16.47
C HIS B 178 14.37 -20.58 15.99
N PHE B 179 14.13 -20.71 14.68
CA PHE B 179 12.95 -21.49 14.25
C PHE B 179 13.14 -22.95 14.62
N PRO B 180 12.33 -23.48 15.51
CA PRO B 180 12.52 -24.90 15.88
C PRO B 180 12.32 -25.93 14.75
N ASP B 181 13.20 -26.95 14.75
CA ASP B 181 13.06 -28.11 13.88
C ASP B 181 11.65 -28.66 13.63
N THR B 182 10.67 -28.32 14.46
CA THR B 182 9.32 -28.80 14.18
C THR B 182 8.56 -27.81 13.33
N TYR B 183 9.13 -26.61 13.18
CA TYR B 183 8.47 -25.56 12.38
C TYR B 183 8.52 -25.96 10.92
N THR B 184 7.36 -25.93 10.29
CA THR B 184 7.34 -26.26 8.88
C THR B 184 6.46 -25.30 8.05
N SER B 185 5.58 -24.55 8.72
CA SER B 185 4.38 -24.02 8.10
C SER B 185 4.57 -22.75 7.29
N LEU B 186 5.82 -22.24 7.26
CA LEU B 186 6.22 -21.05 6.51
C LEU B 186 5.70 -21.04 5.12
N VAL B 187 5.10 -19.91 4.74
CA VAL B 187 4.57 -19.73 3.38
C VAL B 187 5.30 -18.65 2.64
N SER B 188 5.73 -17.60 3.34
CA SER B 188 6.35 -16.45 2.72
C SER B 188 7.38 -15.81 3.63
N LEU B 189 8.62 -15.63 3.15
CA LEU B 189 9.68 -15.07 4.00
C LEU B 189 10.34 -14.00 3.21
N ASN B 190 10.56 -12.84 3.79
CA ASN B 190 11.01 -11.72 3.01
C ASN B 190 11.92 -11.03 3.92
N ILE B 191 13.22 -11.15 3.69
CA ILE B 191 14.19 -10.58 4.58
C ILE B 191 15.09 -9.65 3.83
N SER B 192 14.65 -9.11 2.70
CA SER B 192 15.53 -8.22 1.88
C SER B 192 16.09 -7.01 2.60
N CYS B 193 15.41 -6.50 3.61
CA CYS B 193 16.02 -5.33 4.23
C CYS B 193 17.13 -5.74 5.19
N LEU B 194 17.12 -6.97 5.70
CA LEU B 194 18.11 -7.33 6.67
C LEU B 194 19.48 -7.19 6.05
N ALA B 195 20.45 -6.56 6.70
CA ALA B 195 21.85 -6.58 6.29
C ALA B 195 22.63 -7.70 6.99
N SER B 196 22.30 -7.95 8.26
CA SER B 196 22.75 -9.12 9.03
C SER B 196 22.70 -10.32 8.13
N GLU B 197 23.85 -10.99 8.00
CA GLU B 197 23.91 -12.27 7.31
C GLU B 197 23.31 -13.37 8.15
N VAL B 198 22.16 -13.84 7.71
CA VAL B 198 21.52 -14.99 8.30
C VAL B 198 22.45 -16.17 8.05
N SER B 199 22.27 -17.21 8.85
CA SER B 199 23.03 -18.47 8.74
C SER B 199 22.64 -19.27 7.52
N PHE B 200 23.58 -19.50 6.62
CA PHE B 200 23.12 -20.14 5.41
C PHE B 200 22.50 -21.53 5.63
N SER B 201 23.14 -22.36 6.48
CA SER B 201 22.64 -23.73 6.75
C SER B 201 21.31 -23.71 7.49
N ALA B 202 21.17 -22.82 8.47
CA ALA B 202 19.85 -22.68 9.09
C ALA B 202 18.77 -22.39 8.05
N LEU B 203 19.06 -21.44 7.17
CA LEU B 203 18.12 -21.09 6.13
C LEU B 203 17.83 -22.29 5.26
N GLU B 204 18.90 -22.92 4.78
CA GLU B 204 18.74 -23.99 3.86
C GLU B 204 17.93 -25.12 4.47
N ARG B 205 18.14 -25.32 5.75
CA ARG B 205 17.47 -26.39 6.44
C ARG B 205 15.98 -26.02 6.52
N LEU B 206 15.72 -24.80 7.00
CA LEU B 206 14.42 -24.09 6.90
C LEU B 206 13.67 -24.18 5.54
N VAL B 207 14.31 -23.76 4.45
CA VAL B 207 13.66 -23.88 3.14
C VAL B 207 13.11 -25.33 2.88
N THR B 208 13.89 -26.32 3.33
CA THR B 208 13.69 -27.76 3.06
C THR B 208 12.50 -28.38 3.80
N ARG B 209 12.38 -28.13 5.10
CA ARG B 209 11.22 -28.63 5.85
C ARG B 209 9.93 -27.82 5.66
N CYS B 210 9.98 -26.77 4.83
CA CYS B 210 8.77 -25.97 4.58
C CYS B 210 8.25 -26.21 3.20
N PRO B 211 7.35 -27.19 3.07
CA PRO B 211 6.80 -27.58 1.78
C PRO B 211 5.81 -26.56 1.17
N ASN B 212 5.40 -25.56 1.92
CA ASN B 212 4.43 -24.63 1.38
C ASN B 212 4.94 -23.27 1.15
N LEU B 213 6.24 -23.13 1.19
CA LEU B 213 6.81 -21.84 1.13
C LEU B 213 6.75 -21.46 -0.33
N LYS B 214 5.92 -20.45 -0.67
CA LYS B 214 5.77 -19.96 -2.05
C LYS B 214 6.52 -18.65 -2.37
N SER B 215 6.94 -17.93 -1.33
CA SER B 215 7.58 -16.69 -1.60
C SER B 215 8.85 -16.55 -0.82
N LEU B 216 10.01 -16.41 -1.47
CA LEU B 216 11.20 -16.23 -0.68
C LEU B 216 12.03 -15.10 -1.22
N LYS B 217 12.32 -14.15 -0.32
CA LYS B 217 13.02 -12.98 -0.73
C LYS B 217 14.22 -12.77 0.12
N LEU B 218 15.37 -12.88 -0.50
CA LEU B 218 16.60 -12.99 0.22
C LEU B 218 17.20 -11.66 0.44
N ASN B 219 18.14 -11.58 1.37
CA ASN B 219 18.99 -10.42 1.50
C ASN B 219 20.27 -10.54 0.72
N ARG B 220 20.88 -9.41 0.48
CA ARG B 220 22.11 -9.35 -0.24
C ARG B 220 23.18 -10.33 0.23
N ALA B 221 23.21 -10.63 1.51
CA ALA B 221 24.24 -11.46 2.11
C ALA B 221 24.27 -12.92 1.62
N VAL B 222 23.18 -13.37 0.99
CA VAL B 222 23.11 -14.71 0.43
C VAL B 222 23.73 -14.54 -0.95
N PRO B 223 24.89 -15.19 -1.20
CA PRO B 223 25.57 -14.87 -2.42
C PRO B 223 25.08 -15.75 -3.57
N LEU B 224 25.38 -15.29 -4.78
CA LEU B 224 24.85 -15.92 -5.99
C LEU B 224 25.13 -17.41 -5.98
N GLU B 225 26.38 -17.77 -5.71
CA GLU B 225 26.83 -19.15 -5.60
C GLU B 225 25.94 -20.09 -4.75
N LYS B 226 25.18 -19.54 -3.81
CA LYS B 226 24.41 -20.41 -2.93
C LYS B 226 22.99 -20.41 -3.36
N LEU B 227 22.65 -19.53 -4.26
CA LEU B 227 21.28 -19.50 -4.73
C LEU B 227 20.74 -20.85 -5.19
N ALA B 228 21.50 -21.56 -6.00
CA ALA B 228 21.02 -22.78 -6.68
C ALA B 228 20.57 -23.86 -5.72
N THR B 229 21.35 -23.99 -4.63
CA THR B 229 21.09 -24.93 -3.54
C THR B 229 19.73 -24.71 -2.93
N LEU B 230 19.44 -23.43 -2.54
CA LEU B 230 18.13 -23.05 -1.97
C LEU B 230 17.08 -23.38 -2.92
N LEU B 231 17.22 -23.00 -4.19
CA LEU B 231 16.14 -23.29 -5.12
C LEU B 231 15.85 -24.78 -5.30
N GLN B 232 16.88 -25.63 -5.13
CA GLN B 232 16.66 -27.09 -5.28
C GLN B 232 15.72 -27.54 -4.18
N ARG B 233 15.85 -26.94 -3.00
CA ARG B 233 14.98 -27.24 -1.85
C ARG B 233 13.60 -26.63 -2.04
N ALA B 234 13.50 -25.63 -2.87
CA ALA B 234 12.26 -24.86 -2.92
C ALA B 234 11.67 -24.94 -4.33
N PRO B 235 11.42 -26.15 -4.80
CA PRO B 235 11.12 -26.15 -6.25
C PRO B 235 9.74 -25.56 -6.60
N GLN B 236 8.87 -25.36 -5.61
CA GLN B 236 7.51 -24.87 -5.84
C GLN B 236 7.30 -23.35 -5.67
N LEU B 237 8.38 -22.59 -5.43
CA LEU B 237 8.36 -21.12 -5.36
C LEU B 237 7.54 -20.37 -6.44
N GLU B 238 6.72 -19.40 -6.02
CA GLU B 238 6.02 -18.52 -6.95
C GLU B 238 6.70 -17.17 -7.06
N GLU B 239 7.44 -16.79 -6.00
CA GLU B 239 8.19 -15.52 -6.00
C GLU B 239 9.57 -15.75 -5.52
N LEU B 240 10.51 -15.13 -6.17
CA LEU B 240 11.82 -15.25 -5.69
C LEU B 240 12.42 -13.86 -5.70
N GLY B 241 13.09 -13.52 -4.61
CA GLY B 241 13.98 -12.38 -4.65
C GLY B 241 15.38 -12.86 -4.39
N THR B 242 16.23 -12.77 -5.40
CA THR B 242 17.56 -13.32 -5.26
C THR B 242 18.21 -12.58 -4.10
N GLY B 243 19.39 -13.06 -3.65
CA GLY B 243 20.27 -12.34 -2.75
C GLY B 243 21.19 -11.58 -3.67
N GLY B 244 22.43 -11.41 -3.23
CA GLY B 244 23.49 -10.91 -4.12
C GLY B 244 23.51 -11.60 -5.50
N TYR B 245 23.80 -10.86 -6.56
CA TYR B 245 23.74 -11.48 -7.83
C TYR B 245 24.97 -11.22 -8.64
N THR B 246 26.10 -11.44 -7.98
CA THR B 246 27.42 -11.25 -8.54
C THR B 246 28.32 -12.43 -8.22
N ALA B 247 29.36 -12.66 -9.03
CA ALA B 247 30.25 -13.83 -8.88
C ALA B 247 31.22 -13.83 -10.02
N GLU B 248 32.39 -14.40 -9.75
CA GLU B 248 33.29 -14.92 -10.80
C GLU B 248 32.44 -15.62 -11.90
N VAL B 249 32.63 -15.21 -13.15
CA VAL B 249 32.03 -15.93 -14.28
C VAL B 249 32.60 -17.38 -14.48
N ARG B 250 31.74 -18.41 -14.35
CA ARG B 250 32.13 -19.83 -14.36
C ARG B 250 30.97 -20.63 -14.93
N PRO B 251 31.24 -21.49 -15.96
CA PRO B 251 30.05 -22.17 -16.47
C PRO B 251 29.46 -23.22 -15.51
N ASP B 252 30.22 -23.69 -14.51
CA ASP B 252 29.59 -24.55 -13.46
C ASP B 252 28.47 -23.74 -12.73
N VAL B 253 28.90 -22.62 -12.13
CA VAL B 253 28.06 -21.64 -11.48
C VAL B 253 26.84 -21.26 -12.32
N TYR B 254 27.08 -20.80 -13.55
CA TYR B 254 25.99 -20.42 -14.47
C TYR B 254 24.96 -21.55 -14.63
N SER B 255 25.50 -22.73 -14.82
CA SER B 255 24.76 -23.88 -15.20
C SER B 255 23.88 -24.39 -14.04
N GLY B 256 24.51 -24.49 -12.85
CA GLY B 256 23.81 -24.82 -11.60
C GLY B 256 22.63 -23.87 -11.39
N LEU B 257 22.90 -22.58 -11.58
CA LEU B 257 21.86 -21.59 -11.64
C LEU B 257 20.81 -22.01 -12.60
N SER B 258 21.22 -22.09 -13.85
CA SER B 258 20.24 -22.23 -14.91
C SER B 258 19.18 -23.31 -14.69
N VAL B 259 19.66 -24.53 -14.41
CA VAL B 259 18.87 -25.74 -14.01
C VAL B 259 17.91 -25.53 -12.83
N ALA B 260 18.44 -25.07 -11.69
CA ALA B 260 17.65 -24.88 -10.46
C ALA B 260 16.55 -23.93 -10.83
N LEU B 261 16.90 -22.78 -11.39
CA LEU B 261 15.87 -21.80 -11.82
C LEU B 261 14.75 -22.40 -12.67
N SER B 262 15.10 -23.27 -13.61
CA SER B 262 14.16 -23.82 -14.55
C SER B 262 13.43 -25.01 -13.99
N GLY B 263 13.85 -25.48 -12.83
CA GLY B 263 13.09 -26.48 -12.09
C GLY B 263 12.00 -25.86 -11.24
N CYS B 264 11.93 -24.53 -11.24
CA CYS B 264 10.87 -23.86 -10.52
C CYS B 264 9.80 -23.55 -11.55
N LYS B 265 8.92 -24.49 -11.84
CA LYS B 265 7.97 -24.24 -12.93
C LYS B 265 6.89 -23.21 -12.58
N GLU B 266 6.71 -22.95 -11.28
CA GLU B 266 5.63 -22.09 -10.74
C GLU B 266 6.04 -20.62 -10.52
N LEU B 267 7.35 -20.34 -10.40
CA LEU B 267 7.92 -19.00 -10.39
C LEU B 267 7.29 -17.99 -11.30
N ARG B 268 6.72 -16.92 -10.72
CA ARG B 268 6.10 -15.80 -11.46
C ARG B 268 6.74 -14.44 -11.16
N CYS B 269 7.41 -14.31 -10.01
CA CYS B 269 7.94 -13.00 -9.71
C CYS B 269 9.35 -13.07 -9.31
N LEU B 270 10.11 -12.16 -9.88
CA LEU B 270 11.49 -12.05 -9.62
C LEU B 270 11.87 -10.66 -9.25
N SER B 271 12.76 -10.61 -8.25
CA SER B 271 13.34 -9.38 -7.72
C SER B 271 14.67 -9.72 -7.15
N GLY B 272 15.32 -8.71 -6.61
CA GLY B 272 16.60 -8.88 -6.00
C GLY B 272 17.61 -8.24 -6.92
N PHE B 273 18.54 -9.09 -7.40
CA PHE B 273 19.50 -8.74 -8.42
C PHE B 273 20.51 -7.71 -8.04
N TRP B 274 20.75 -7.50 -6.77
CA TRP B 274 21.77 -6.51 -6.35
C TRP B 274 23.15 -6.71 -6.96
N ASP B 275 23.82 -5.65 -7.41
CA ASP B 275 25.20 -5.77 -7.97
C ASP B 275 25.19 -6.69 -9.18
N ALA B 276 24.01 -6.99 -9.75
CA ALA B 276 23.90 -8.05 -10.76
C ALA B 276 24.91 -7.92 -11.90
N VAL B 277 25.48 -9.08 -12.29
CA VAL B 277 26.45 -9.19 -13.37
C VAL B 277 25.76 -9.54 -14.70
N PRO B 278 25.97 -8.76 -15.75
CA PRO B 278 25.25 -9.10 -17.00
C PRO B 278 25.41 -10.55 -17.51
N ALA B 279 26.63 -11.09 -17.36
CA ALA B 279 26.90 -12.52 -17.59
C ALA B 279 25.97 -13.54 -16.91
N TYR B 280 25.38 -13.21 -15.75
CA TYR B 280 24.49 -14.18 -15.09
C TYR B 280 22.99 -13.95 -15.18
N LEU B 281 22.50 -12.83 -15.70
CA LEU B 281 21.01 -12.69 -15.88
C LEU B 281 20.39 -13.73 -16.80
N PRO B 282 21.09 -14.07 -17.93
CA PRO B 282 20.52 -15.03 -18.93
C PRO B 282 19.97 -16.33 -18.31
N ALA B 283 20.64 -16.78 -17.23
CA ALA B 283 20.23 -17.90 -16.38
C ALA B 283 18.73 -18.00 -16.09
N VAL B 284 18.07 -16.85 -16.16
CA VAL B 284 16.72 -16.61 -15.66
C VAL B 284 15.67 -16.66 -16.83
N TYR B 285 16.11 -17.09 -18.02
CA TYR B 285 15.30 -17.03 -19.24
C TYR B 285 14.27 -18.15 -19.40
N SER B 286 14.43 -19.22 -18.63
CA SER B 286 13.46 -20.32 -18.54
C SER B 286 12.14 -19.88 -17.91
N VAL B 287 12.30 -19.06 -16.87
CA VAL B 287 11.23 -18.35 -16.20
C VAL B 287 10.58 -17.23 -17.03
N CYS B 288 11.39 -16.48 -17.77
CA CYS B 288 10.92 -15.23 -18.39
C CYS B 288 9.63 -15.34 -19.11
N SER B 289 9.30 -16.50 -19.61
CA SER B 289 8.21 -16.47 -20.52
C SER B 289 6.94 -16.70 -19.75
N ARG B 290 7.06 -16.94 -18.46
CA ARG B 290 5.81 -17.09 -17.71
C ARG B 290 5.63 -16.07 -16.57
N LEU B 291 6.62 -15.19 -16.51
CA LEU B 291 6.80 -14.15 -15.53
C LEU B 291 5.79 -12.99 -15.70
N THR B 292 5.24 -12.56 -14.58
CA THR B 292 4.23 -11.47 -14.51
C THR B 292 4.77 -10.26 -13.81
N THR B 293 5.62 -10.48 -12.82
CA THR B 293 6.29 -9.36 -12.12
C THR B 293 7.78 -9.42 -12.22
N LEU B 294 8.39 -8.37 -12.70
CA LEU B 294 9.83 -8.30 -12.68
C LEU B 294 10.31 -7.03 -12.00
N ASN B 295 11.25 -7.11 -11.07
CA ASN B 295 11.73 -5.95 -10.41
C ASN B 295 13.24 -5.81 -10.49
N LEU B 296 13.62 -4.95 -11.41
CA LEU B 296 15.03 -4.82 -11.68
C LEU B 296 15.65 -3.56 -11.05
N SER B 297 14.91 -2.92 -10.12
CA SER B 297 15.37 -1.68 -9.42
C SER B 297 16.80 -1.66 -8.94
N TYR B 298 17.35 -2.77 -8.45
CA TYR B 298 18.72 -2.63 -8.02
C TYR B 298 19.79 -3.12 -9.00
N ALA B 299 19.36 -3.59 -10.16
CA ALA B 299 20.33 -4.00 -11.15
C ALA B 299 20.89 -2.78 -11.95
N THR B 300 22.20 -2.59 -11.99
CA THR B 300 22.67 -1.43 -12.74
C THR B 300 23.21 -1.86 -14.15
N VAL B 301 22.46 -2.75 -14.73
CA VAL B 301 22.75 -3.41 -15.96
C VAL B 301 22.27 -2.51 -17.12
N GLN B 302 23.11 -2.29 -18.15
CA GLN B 302 22.81 -1.33 -19.25
C GLN B 302 21.65 -1.78 -20.12
N SER B 303 21.27 -0.93 -21.04
CA SER B 303 19.99 -1.10 -21.67
C SER B 303 19.83 -2.41 -22.43
N TYR B 304 20.83 -2.71 -23.29
CA TYR B 304 20.78 -3.89 -24.17
C TYR B 304 20.50 -5.17 -23.37
N ASP B 305 21.33 -5.40 -22.31
CA ASP B 305 21.05 -6.45 -21.33
C ASP B 305 19.59 -6.44 -20.94
N LEU B 306 19.07 -5.29 -20.45
CA LEU B 306 17.66 -5.30 -20.08
C LEU B 306 16.76 -5.71 -21.22
N VAL B 307 17.01 -5.14 -22.40
CA VAL B 307 16.26 -5.51 -23.62
C VAL B 307 16.24 -7.03 -23.83
N LYS B 308 17.41 -7.69 -23.75
CA LYS B 308 17.47 -9.16 -23.94
C LYS B 308 16.61 -9.91 -22.92
N LEU B 309 16.66 -9.49 -21.66
CA LEU B 309 15.71 -10.01 -20.69
C LEU B 309 14.24 -9.70 -21.01
N LEU B 310 13.92 -8.48 -21.43
CA LEU B 310 12.51 -8.19 -21.60
C LEU B 310 11.89 -8.81 -22.83
N CYS B 311 12.66 -8.96 -23.91
CA CYS B 311 12.17 -9.68 -25.10
C CYS B 311 11.45 -10.97 -24.85
N GLN B 312 11.93 -11.71 -23.86
CA GLN B 312 11.34 -12.97 -23.63
C GLN B 312 10.39 -13.01 -22.42
N CYS B 313 9.76 -11.87 -22.12
CA CYS B 313 8.80 -11.80 -21.01
C CYS B 313 7.36 -11.50 -21.45
N PRO B 314 6.85 -12.24 -22.42
CA PRO B 314 5.54 -11.79 -22.90
C PRO B 314 4.36 -11.72 -21.93
N LYS B 315 4.40 -12.34 -20.76
CA LYS B 315 3.16 -12.35 -19.97
C LYS B 315 3.18 -11.27 -18.85
N LEU B 316 4.36 -10.62 -18.79
CA LEU B 316 4.72 -9.51 -17.89
C LEU B 316 3.65 -8.46 -17.63
N GLN B 317 3.30 -8.27 -16.37
CA GLN B 317 2.28 -7.31 -15.96
C GLN B 317 2.85 -6.10 -15.22
N ARG B 318 3.96 -6.29 -14.50
CA ARG B 318 4.54 -5.26 -13.69
C ARG B 318 6.01 -5.10 -13.92
N LEU B 319 6.48 -3.96 -14.32
CA LEU B 319 7.90 -3.85 -14.40
C LEU B 319 8.39 -2.61 -13.66
N TRP B 320 9.33 -2.83 -12.74
CA TRP B 320 10.06 -1.77 -12.12
C TRP B 320 11.51 -1.88 -12.58
N VAL B 321 12.15 -0.77 -12.94
CA VAL B 321 13.47 -0.85 -13.59
C VAL B 321 14.17 0.49 -13.46
N LEU B 322 15.49 0.56 -13.27
CA LEU B 322 16.18 1.86 -13.48
C LEU B 322 16.04 2.46 -14.90
N ASP B 323 16.52 3.69 -15.04
CA ASP B 323 16.26 4.44 -16.26
C ASP B 323 17.30 4.08 -17.31
N TYR B 324 18.25 3.26 -16.85
CA TYR B 324 19.13 2.50 -17.70
C TYR B 324 18.34 1.79 -18.84
N ILE B 325 17.10 1.41 -18.62
CA ILE B 325 16.30 0.88 -19.69
C ILE B 325 16.30 1.77 -20.93
N GLU B 326 16.25 3.10 -20.71
CA GLU B 326 16.35 4.12 -21.76
C GLU B 326 15.17 4.14 -22.73
N ASP B 327 15.16 5.07 -23.66
CA ASP B 327 14.01 5.14 -24.59
C ASP B 327 13.86 3.87 -25.47
N ALA B 328 14.93 3.52 -26.21
CA ALA B 328 15.04 2.29 -27.02
C ALA B 328 14.47 1.12 -26.19
N GLY B 329 15.05 0.91 -24.99
CA GLY B 329 14.51 0.00 -24.00
C GLY B 329 12.99 -0.10 -24.02
N LEU B 330 12.36 1.02 -23.66
CA LEU B 330 10.94 1.07 -23.51
C LEU B 330 10.24 0.90 -24.83
N GLU B 331 10.90 1.30 -25.92
CA GLU B 331 10.33 1.05 -27.25
C GLU B 331 10.10 -0.47 -27.44
N VAL B 332 11.16 -1.26 -27.20
CA VAL B 332 11.01 -2.71 -27.12
C VAL B 332 9.86 -3.14 -26.21
N LEU B 333 9.98 -2.87 -24.89
CA LEU B 333 8.90 -3.16 -23.93
C LEU B 333 7.53 -2.98 -24.52
N ALA B 334 7.35 -1.86 -25.22
CA ALA B 334 6.10 -1.44 -25.82
C ALA B 334 5.57 -2.41 -26.86
N SER B 335 6.44 -2.90 -27.75
CA SER B 335 6.00 -3.97 -28.68
C SER B 335 5.93 -5.33 -28.00
N THR B 336 6.95 -5.67 -27.23
CA THR B 336 6.94 -6.91 -26.42
C THR B 336 5.78 -7.24 -25.45
N CYS B 337 5.49 -6.40 -24.44
CA CYS B 337 4.60 -6.82 -23.35
C CYS B 337 3.13 -6.37 -23.39
N LYS B 338 2.36 -6.90 -24.34
CA LYS B 338 1.00 -6.39 -24.51
C LYS B 338 0.17 -6.46 -23.24
N ASP B 339 0.62 -7.19 -22.24
CA ASP B 339 -0.22 -7.34 -21.03
C ASP B 339 0.20 -6.42 -19.88
N LEU B 340 1.26 -5.61 -20.09
CA LEU B 340 1.83 -4.71 -19.08
C LEU B 340 0.79 -3.75 -18.50
N ARG B 341 0.56 -3.86 -17.19
CA ARG B 341 -0.33 -3.03 -16.42
C ARG B 341 0.36 -1.88 -15.71
N GLU B 342 1.61 -2.05 -15.27
CA GLU B 342 2.23 -1.07 -14.40
C GLU B 342 3.72 -0.91 -14.68
N LEU B 343 4.23 0.32 -14.83
CA LEU B 343 5.63 0.53 -15.11
C LEU B 343 6.21 1.57 -14.12
N ARG B 344 7.34 1.27 -13.51
CA ARG B 344 8.01 2.23 -12.63
C ARG B 344 9.43 2.30 -13.09
N VAL B 345 9.85 3.50 -13.49
CA VAL B 345 11.20 3.74 -13.93
C VAL B 345 11.90 4.61 -12.87
N PHE B 346 12.79 4.05 -12.11
CA PHE B 346 13.50 4.80 -11.11
C PHE B 346 14.71 5.51 -11.67
N PRO B 347 15.23 6.49 -10.94
CA PRO B 347 16.39 7.19 -11.46
C PRO B 347 17.65 6.48 -11.09
N SER B 348 18.72 6.62 -11.86
CA SER B 348 19.94 5.94 -11.55
C SER B 348 20.85 6.91 -10.90
N GLU B 349 20.58 8.20 -11.07
CA GLU B 349 21.55 9.18 -10.64
C GLU B 349 21.02 10.57 -10.34
N PRO B 350 20.10 10.67 -9.37
CA PRO B 350 19.32 11.93 -9.31
C PRO B 350 20.12 13.23 -9.01
N PHE B 351 21.13 13.12 -8.17
CA PHE B 351 21.78 14.32 -7.65
C PHE B 351 22.83 14.96 -8.60
N VAL B 352 22.77 14.49 -9.86
CA VAL B 352 23.39 15.12 -11.02
C VAL B 352 22.17 15.66 -11.84
N MET B 353 22.31 16.85 -12.44
CA MET B 353 21.27 17.41 -13.37
C MET B 353 21.64 17.06 -14.84
N GLU B 354 22.73 16.28 -14.94
CA GLU B 354 23.46 15.94 -16.18
C GLU B 354 23.26 14.51 -16.67
N PRO B 355 22.34 14.36 -17.65
CA PRO B 355 21.84 13.12 -18.22
C PRO B 355 22.92 12.04 -18.49
N ASN B 356 23.08 11.13 -17.52
CA ASN B 356 23.84 9.90 -17.67
C ASN B 356 23.12 8.78 -18.43
N VAL B 357 21.82 8.85 -18.63
CA VAL B 357 21.18 7.87 -19.48
C VAL B 357 20.43 8.61 -20.53
N ALA B 358 19.84 7.90 -21.48
CA ALA B 358 19.16 8.55 -22.55
C ALA B 358 17.71 8.30 -22.31
N LEU B 359 17.23 8.62 -21.11
CA LEU B 359 15.81 8.34 -20.86
C LEU B 359 15.05 9.66 -20.91
N THR B 360 14.10 9.80 -21.83
CA THR B 360 13.34 11.03 -21.99
C THR B 360 11.92 10.68 -21.89
N GLU B 361 11.08 11.52 -22.47
CA GLU B 361 9.63 11.37 -22.36
C GLU B 361 9.21 10.51 -23.43
N GLN B 362 10.01 10.42 -24.50
CA GLN B 362 9.55 9.55 -25.60
C GLN B 362 9.35 8.12 -25.05
N GLY B 363 10.21 7.69 -24.12
CA GLY B 363 10.01 6.44 -23.39
C GLY B 363 8.57 6.16 -22.98
N LEU B 364 8.06 6.97 -22.07
CA LEU B 364 6.68 6.83 -21.59
C LEU B 364 5.63 6.97 -22.65
N VAL B 365 5.93 7.85 -23.58
CA VAL B 365 5.06 8.03 -24.72
C VAL B 365 4.92 6.70 -25.45
N SER B 366 6.07 6.08 -25.82
CA SER B 366 6.13 4.72 -26.44
C SER B 366 5.28 3.72 -25.70
N VAL B 367 5.55 3.59 -24.39
CA VAL B 367 4.84 2.60 -23.62
C VAL B 367 3.35 2.82 -23.69
N SER B 368 2.93 4.07 -23.79
CA SER B 368 1.51 4.35 -23.72
C SER B 368 0.71 4.10 -24.99
N MET B 369 1.32 4.22 -26.17
CA MET B 369 0.66 3.67 -27.40
C MET B 369 0.65 2.13 -27.38
N GLY B 370 1.75 1.58 -26.86
CA GLY B 370 2.02 0.16 -26.92
C GLY B 370 1.31 -0.79 -25.99
N CYS B 371 0.86 -0.31 -24.83
CA CYS B 371 0.35 -1.23 -23.82
C CYS B 371 -1.10 -0.96 -23.43
N PRO B 372 -2.03 -1.57 -24.15
CA PRO B 372 -3.46 -1.28 -23.99
C PRO B 372 -3.92 -1.30 -22.55
N LYS B 373 -3.18 -2.02 -21.74
CA LYS B 373 -3.54 -2.26 -20.36
C LYS B 373 -2.79 -1.40 -19.34
N LEU B 374 -1.72 -0.67 -19.74
CA LEU B 374 -0.97 0.24 -18.84
C LEU B 374 -1.93 1.17 -18.09
N GLU B 375 -1.82 1.17 -16.78
CA GLU B 375 -2.75 1.96 -15.97
C GLU B 375 -2.13 2.50 -14.71
N SER B 376 -0.98 1.96 -14.26
CA SER B 376 -0.16 2.58 -13.24
C SER B 376 1.20 3.03 -13.76
N VAL B 377 1.60 4.27 -13.50
CA VAL B 377 2.93 4.71 -13.91
C VAL B 377 3.66 5.43 -12.75
N LEU B 378 4.98 5.25 -12.63
CA LEU B 378 5.80 6.10 -11.86
C LEU B 378 6.97 6.29 -12.75
N TYR B 379 7.35 7.51 -13.11
CA TYR B 379 8.36 7.66 -14.11
C TYR B 379 9.29 8.77 -13.68
N PHE B 380 10.60 8.57 -13.57
CA PHE B 380 11.53 9.68 -13.42
C PHE B 380 12.34 10.00 -14.69
N CYS B 381 12.04 11.14 -15.31
CA CYS B 381 12.88 11.69 -16.37
C CYS B 381 13.33 13.04 -15.98
N ARG B 382 14.01 13.67 -16.92
CA ARG B 382 14.68 14.91 -16.67
C ARG B 382 14.12 16.00 -17.53
N GLN B 383 13.06 15.72 -18.30
CA GLN B 383 12.57 16.67 -19.31
C GLN B 383 11.23 16.20 -19.75
N MET B 384 10.38 17.09 -20.25
CA MET B 384 9.02 16.69 -20.54
C MET B 384 8.43 17.81 -21.36
N THR B 385 7.26 17.55 -21.96
CA THR B 385 6.56 18.43 -22.82
C THR B 385 5.07 18.17 -22.64
N ASN B 386 4.24 19.16 -22.97
CA ASN B 386 2.83 18.97 -22.88
C ASN B 386 2.31 18.05 -24.00
N ALA B 387 3.08 17.97 -25.07
CA ALA B 387 2.69 17.16 -26.25
C ALA B 387 2.80 15.66 -25.83
N ALA B 388 3.93 15.32 -25.17
CA ALA B 388 4.03 14.01 -24.54
C ALA B 388 2.80 13.73 -23.68
N LEU B 389 2.63 14.56 -22.63
CA LEU B 389 1.51 14.38 -21.74
C LEU B 389 0.16 14.33 -22.46
N ILE B 390 -0.05 15.19 -23.46
CA ILE B 390 -1.34 15.24 -24.12
C ILE B 390 -1.55 13.93 -24.84
N THR B 391 -0.49 13.49 -25.53
CA THR B 391 -0.48 12.20 -26.23
C THR B 391 -0.74 11.00 -25.31
N ILE B 392 0.01 10.95 -24.20
CA ILE B 392 -0.24 9.96 -23.18
C ILE B 392 -1.66 9.94 -22.74
N ALA B 393 -2.26 11.12 -22.53
CA ALA B 393 -3.60 11.15 -21.95
C ALA B 393 -4.51 10.65 -23.03
N ARG B 394 -4.18 11.02 -24.28
CA ARG B 394 -4.99 10.68 -25.44
C ARG B 394 -5.04 9.16 -25.52
N ASN B 395 -3.87 8.57 -25.50
CA ASN B 395 -3.70 7.13 -25.60
C ASN B 395 -4.19 6.26 -24.47
N ARG B 396 -4.14 6.79 -23.24
CA ARG B 396 -4.41 5.98 -22.06
C ARG B 396 -5.61 6.48 -21.20
N PRO B 397 -6.77 6.62 -21.82
CA PRO B 397 -7.91 7.01 -21.01
C PRO B 397 -8.17 6.05 -19.79
N ASN B 398 -7.61 4.86 -19.82
CA ASN B 398 -7.95 3.90 -18.80
C ASN B 398 -7.01 4.06 -17.57
N MET B 399 -6.00 4.93 -17.70
CA MET B 399 -5.00 5.23 -16.68
C MET B 399 -5.66 5.48 -15.33
N THR B 400 -5.05 4.96 -14.28
CA THR B 400 -5.56 5.11 -12.95
C THR B 400 -4.54 5.52 -11.89
N ARG B 401 -3.24 5.50 -12.18
CA ARG B 401 -2.28 6.19 -11.28
C ARG B 401 -1.13 6.74 -12.05
N PHE B 402 -0.89 8.03 -11.92
CA PHE B 402 0.13 8.63 -12.76
C PHE B 402 0.99 9.55 -11.91
N ARG B 403 2.27 9.24 -11.83
CA ARG B 403 3.15 9.90 -10.91
C ARG B 403 4.32 10.29 -11.72
N LEU B 404 4.45 11.53 -12.12
CA LEU B 404 5.55 11.91 -12.96
C LEU B 404 6.47 12.68 -12.11
N CYS B 405 7.75 12.54 -12.35
CA CYS B 405 8.65 13.21 -11.52
C CYS B 405 9.85 13.81 -12.30
N ILE B 406 9.79 15.10 -12.68
CA ILE B 406 10.83 15.71 -13.52
C ILE B 406 11.94 16.12 -12.61
N ILE B 407 13.16 15.76 -12.90
CA ILE B 407 14.19 15.82 -11.90
C ILE B 407 14.54 17.21 -11.47
N GLU B 408 14.91 18.08 -12.41
CA GLU B 408 15.19 19.52 -12.17
C GLU B 408 13.87 20.18 -11.90
N PRO B 409 13.75 20.85 -10.73
CA PRO B 409 12.38 21.35 -10.40
C PRO B 409 11.98 22.56 -11.22
N LYS B 410 10.67 22.79 -11.21
CA LYS B 410 10.03 23.88 -11.96
C LYS B 410 10.47 23.85 -13.41
N ALA B 411 10.87 22.68 -13.93
CA ALA B 411 11.29 22.57 -15.30
C ALA B 411 10.10 22.71 -16.19
N PRO B 412 10.17 23.67 -17.13
CA PRO B 412 9.13 23.95 -18.10
C PRO B 412 9.19 22.93 -19.15
N ASP B 413 8.09 22.72 -19.89
CA ASP B 413 8.13 22.07 -21.20
C ASP B 413 9.42 22.50 -21.92
N TYR B 414 10.29 21.59 -22.38
CA TYR B 414 11.65 22.02 -22.90
C TYR B 414 11.60 22.49 -24.36
N LEU B 415 10.50 22.30 -25.07
CA LEU B 415 10.38 22.84 -26.46
C LEU B 415 9.69 24.21 -26.49
N THR B 416 8.53 24.32 -25.85
CA THR B 416 7.78 25.58 -25.78
C THR B 416 8.14 26.49 -24.57
N LEU B 417 8.95 25.99 -23.66
CA LEU B 417 9.34 26.76 -22.48
C LEU B 417 8.18 27.08 -21.50
N GLU B 418 7.00 26.53 -21.79
CA GLU B 418 5.80 26.82 -21.02
C GLU B 418 5.51 25.96 -19.80
N PRO B 419 4.52 26.34 -18.97
CA PRO B 419 4.12 25.50 -17.87
C PRO B 419 3.64 24.20 -18.34
N LEU B 420 3.61 23.20 -17.48
CA LEU B 420 3.08 21.92 -17.88
C LEU B 420 1.60 21.76 -17.58
N ASP B 421 0.95 22.89 -17.30
CA ASP B 421 -0.43 22.84 -16.86
C ASP B 421 -1.35 22.14 -17.89
N ILE B 422 -1.24 22.49 -19.17
CA ILE B 422 -2.12 21.83 -20.14
C ILE B 422 -1.84 20.33 -20.27
N GLY B 423 -0.55 20.00 -20.18
CA GLY B 423 -0.11 18.60 -20.13
C GLY B 423 -0.91 17.80 -19.11
N PHE B 424 -0.63 18.13 -17.86
CA PHE B 424 -1.39 17.59 -16.79
C PHE B 424 -2.92 17.78 -16.88
N GLY B 425 -3.40 18.87 -17.52
CA GLY B 425 -4.83 19.06 -17.69
C GLY B 425 -5.46 17.88 -18.46
N ALA B 426 -4.71 17.45 -19.49
CA ALA B 426 -5.18 16.39 -20.37
C ALA B 426 -5.28 15.10 -19.60
N ILE B 427 -4.22 14.81 -18.81
CA ILE B 427 -4.22 13.64 -17.97
C ILE B 427 -5.51 13.61 -17.22
N VAL B 428 -5.78 14.64 -16.42
CA VAL B 428 -6.98 14.68 -15.52
C VAL B 428 -8.32 14.76 -16.23
N GLU B 429 -8.32 15.43 -17.37
CA GLU B 429 -9.47 15.50 -18.25
C GLU B 429 -9.80 14.16 -18.86
N HIS B 430 -8.80 13.53 -19.48
CA HIS B 430 -9.03 12.33 -20.24
C HIS B 430 -9.02 11.07 -19.44
N CYS B 431 -8.52 11.10 -18.21
CA CYS B 431 -8.37 9.87 -17.48
C CYS B 431 -9.36 9.81 -16.37
N LYS B 432 -10.61 9.63 -16.75
CA LYS B 432 -11.65 9.76 -15.79
C LYS B 432 -11.51 8.89 -14.56
N ASP B 433 -10.69 7.84 -14.55
CA ASP B 433 -10.59 7.13 -13.28
C ASP B 433 -9.30 7.36 -12.56
N LEU B 434 -8.58 8.39 -13.01
CA LEU B 434 -7.34 8.71 -12.41
C LEU B 434 -7.61 8.77 -10.90
N ARG B 435 -7.03 7.84 -10.09
CA ARG B 435 -7.53 7.79 -8.66
C ARG B 435 -6.42 8.34 -7.85
N ARG B 436 -5.32 8.55 -8.64
CA ARG B 436 -4.05 9.07 -8.10
C ARG B 436 -3.01 9.72 -8.92
N LEU B 437 -2.30 10.72 -8.28
CA LEU B 437 -1.53 11.74 -9.09
C LEU B 437 -0.38 12.49 -8.42
N SER B 438 0.79 12.55 -9.05
CA SER B 438 1.91 13.29 -8.53
C SER B 438 2.39 14.12 -9.64
N LEU B 439 2.78 15.36 -9.33
CA LEU B 439 2.97 16.44 -10.30
C LEU B 439 4.35 16.94 -10.21
N SER B 440 4.80 17.52 -11.30
CA SER B 440 6.10 18.19 -11.26
C SER B 440 6.32 18.96 -12.51
N GLY B 441 7.48 19.57 -12.59
CA GLY B 441 7.65 20.62 -13.56
C GLY B 441 7.10 22.00 -13.09
N LEU B 442 7.47 23.03 -13.88
CA LEU B 442 6.85 24.34 -13.86
C LEU B 442 5.35 24.25 -13.97
N LEU B 443 4.67 24.73 -12.91
CA LEU B 443 3.22 24.69 -12.80
C LEU B 443 2.62 25.93 -12.10
N THR B 444 1.54 26.42 -12.68
CA THR B 444 0.91 27.65 -12.23
C THR B 444 -0.41 27.24 -11.57
N ASP B 445 -1.14 28.21 -11.01
CA ASP B 445 -2.41 27.90 -10.42
C ASP B 445 -3.35 27.22 -11.42
N LYS B 446 -2.99 27.29 -12.71
CA LYS B 446 -3.92 26.81 -13.74
C LYS B 446 -4.20 25.27 -13.68
N VAL B 447 -3.11 24.50 -13.50
CA VAL B 447 -3.14 23.04 -13.39
C VAL B 447 -4.15 22.64 -12.34
N PHE B 448 -4.17 23.43 -11.28
CA PHE B 448 -5.07 23.17 -10.19
C PHE B 448 -6.52 23.43 -10.55
N GLU B 449 -6.74 24.52 -11.27
CA GLU B 449 -8.08 24.70 -11.77
C GLU B 449 -8.47 23.45 -12.57
N TYR B 450 -7.47 22.95 -13.32
CA TYR B 450 -7.64 21.72 -14.09
C TYR B 450 -8.00 20.57 -13.17
N ILE B 451 -7.11 20.32 -12.21
CA ILE B 451 -7.31 19.18 -11.35
C ILE B 451 -8.69 19.32 -10.76
N GLY B 452 -8.96 20.50 -10.18
CA GLY B 452 -10.21 20.74 -9.49
C GLY B 452 -11.45 20.54 -10.37
N THR B 453 -11.37 20.98 -11.64
CA THR B 453 -12.51 20.82 -12.53
C THR B 453 -12.70 19.38 -12.95
N TYR B 454 -11.62 18.63 -13.23
CA TYR B 454 -11.68 17.26 -13.85
C TYR B 454 -11.38 15.99 -12.98
N ALA B 455 -10.45 16.11 -12.03
CA ALA B 455 -10.00 14.97 -11.24
C ALA B 455 -11.02 14.54 -10.22
N LYS B 456 -12.16 14.04 -10.67
CA LYS B 456 -13.25 13.84 -9.73
C LYS B 456 -13.16 12.56 -8.91
N LYS B 457 -12.38 11.61 -9.42
CA LYS B 457 -12.23 10.31 -8.77
C LYS B 457 -10.88 10.27 -8.04
N MET B 458 -10.17 11.38 -8.09
CA MET B 458 -8.83 11.34 -7.64
C MET B 458 -8.84 11.26 -6.15
N GLU B 459 -8.06 10.33 -5.61
CA GLU B 459 -8.01 10.16 -4.19
C GLU B 459 -6.75 10.71 -3.60
N MET B 460 -5.71 10.81 -4.41
CA MET B 460 -4.45 11.07 -3.78
C MET B 460 -3.63 12.02 -4.56
N LEU B 461 -3.28 13.19 -4.03
CA LEU B 461 -2.57 14.14 -4.83
C LEU B 461 -1.30 14.53 -4.09
N SER B 462 -0.16 14.66 -4.79
CA SER B 462 1.08 15.07 -4.12
C SER B 462 1.73 16.08 -5.00
N VAL B 463 2.30 17.10 -4.41
CA VAL B 463 2.58 18.33 -5.16
C VAL B 463 3.82 18.87 -4.48
N ALA B 464 4.71 19.50 -5.27
CA ALA B 464 5.97 20.03 -4.79
C ALA B 464 6.47 21.11 -5.72
N PHE B 465 6.94 22.21 -5.17
CA PHE B 465 7.37 23.31 -5.98
C PHE B 465 6.46 23.60 -7.13
N ALA B 466 5.15 23.70 -6.87
CA ALA B 466 4.17 24.05 -7.92
C ALA B 466 3.17 25.14 -7.44
N GLY B 467 2.43 25.73 -8.38
CA GLY B 467 1.32 26.64 -8.09
C GLY B 467 1.75 28.08 -7.74
N ASP B 468 0.80 28.99 -7.83
CA ASP B 468 1.07 30.43 -7.63
C ASP B 468 0.56 31.03 -6.33
N SER B 469 -0.59 30.58 -5.84
CA SER B 469 -1.31 31.27 -4.79
C SER B 469 -2.32 30.32 -4.17
N ASP B 470 -2.92 30.74 -3.06
CA ASP B 470 -3.81 29.90 -2.34
C ASP B 470 -4.96 29.47 -3.25
N LEU B 471 -5.05 30.18 -4.35
CA LEU B 471 -6.10 29.91 -5.28
C LEU B 471 -5.87 28.48 -5.84
N GLY B 472 -4.60 28.08 -6.03
CA GLY B 472 -4.29 26.71 -6.40
C GLY B 472 -4.89 25.74 -5.40
N MET B 473 -4.42 25.83 -4.16
CA MET B 473 -4.89 24.84 -3.24
C MET B 473 -6.41 24.79 -3.13
N HIS B 474 -7.00 25.96 -3.40
CA HIS B 474 -8.39 26.16 -3.15
C HIS B 474 -9.20 25.43 -4.24
N HIS B 475 -8.82 25.60 -5.51
CA HIS B 475 -9.43 24.74 -6.57
C HIS B 475 -9.42 23.27 -6.22
N VAL B 476 -8.32 22.80 -5.60
CA VAL B 476 -8.23 21.39 -5.27
C VAL B 476 -9.17 21.04 -4.14
N LEU B 477 -9.09 21.75 -3.03
CA LEU B 477 -10.06 21.40 -1.96
C LEU B 477 -11.55 21.59 -2.37
N SER B 478 -11.74 22.51 -3.28
CA SER B 478 -13.03 22.83 -3.77
C SER B 478 -13.60 21.76 -4.74
N GLY B 479 -12.90 21.46 -5.85
CA GLY B 479 -13.36 20.51 -6.87
C GLY B 479 -13.19 18.98 -6.69
N CYS B 480 -12.15 18.56 -5.95
CA CYS B 480 -11.79 17.17 -5.95
C CYS B 480 -12.68 16.39 -5.05
N ASP B 481 -13.81 15.94 -5.57
CA ASP B 481 -14.81 15.21 -4.78
C ASP B 481 -14.35 13.99 -4.03
N SER B 482 -13.42 13.22 -4.64
CA SER B 482 -12.98 11.94 -4.08
C SER B 482 -11.74 12.00 -3.22
N LEU B 483 -11.14 13.20 -3.15
CA LEU B 483 -9.87 13.39 -2.40
C LEU B 483 -9.88 12.70 -1.05
N ARG B 484 -8.81 11.98 -0.71
CA ARG B 484 -8.61 11.40 0.63
C ARG B 484 -7.29 11.88 1.22
N LYS B 485 -6.28 12.05 0.38
CA LYS B 485 -4.97 12.45 0.89
C LYS B 485 -4.37 13.52 -0.01
N LEU B 486 -3.91 14.62 0.57
CA LEU B 486 -3.33 15.66 -0.23
C LEU B 486 -2.18 15.91 0.64
N GLU B 487 -1.07 16.19 -0.04
CA GLU B 487 0.21 16.39 0.61
C GLU B 487 1.01 17.27 -0.29
N ILE B 488 1.53 18.33 0.34
CA ILE B 488 2.07 19.48 -0.35
C ILE B 488 3.38 19.85 0.33
N ARG B 489 4.35 20.24 -0.48
CA ARG B 489 5.56 20.76 0.06
C ARG B 489 6.18 21.83 -0.84
N ASP B 490 6.78 22.86 -0.22
CA ASP B 490 7.35 24.02 -0.94
C ASP B 490 6.45 24.66 -2.02
N CYS B 491 5.17 24.78 -1.75
CA CYS B 491 4.32 25.61 -2.59
C CYS B 491 3.92 26.89 -1.88
N PRO B 492 3.53 27.95 -2.66
CA PRO B 492 2.99 29.15 -2.01
C PRO B 492 1.48 29.01 -1.77
N PHE B 493 1.10 27.96 -1.04
CA PHE B 493 -0.22 27.81 -0.46
C PHE B 493 -0.04 28.14 1.03
N GLY B 494 -1.07 28.74 1.62
CA GLY B 494 -1.03 29.25 2.99
C GLY B 494 -2.40 29.14 3.63
N ASP B 495 -2.78 30.22 4.33
CA ASP B 495 -3.92 30.22 5.26
C ASP B 495 -5.26 30.31 4.56
N LYS B 496 -5.32 31.11 3.51
CA LYS B 496 -6.63 31.52 2.93
C LYS B 496 -7.33 30.29 2.46
N ALA B 497 -6.59 29.50 1.67
CA ALA B 497 -7.13 28.30 1.02
C ALA B 497 -7.58 27.26 2.04
N LEU B 498 -6.77 27.16 3.05
CA LEU B 498 -6.97 26.19 4.10
C LEU B 498 -8.25 26.46 4.93
N LEU B 499 -8.42 27.72 5.38
CA LEU B 499 -9.63 28.07 6.15
C LEU B 499 -10.90 28.19 5.30
N ALA B 500 -10.79 28.75 4.08
CA ALA B 500 -11.98 28.81 3.17
C ALA B 500 -12.59 27.46 3.00
N ASN B 501 -11.75 26.43 3.16
CA ASN B 501 -12.18 25.06 2.99
C ASN B 501 -12.10 24.14 4.17
N ALA B 502 -12.04 24.68 5.39
CA ALA B 502 -11.88 23.80 6.56
C ALA B 502 -12.79 22.59 6.56
N SER B 503 -14.05 22.70 6.19
CA SER B 503 -14.92 21.52 6.32
C SER B 503 -14.57 20.35 5.37
N LYS B 504 -13.91 20.66 4.25
CA LYS B 504 -13.44 19.57 3.42
C LYS B 504 -12.52 18.66 4.20
N LEU B 505 -11.56 19.24 4.97
CA LEU B 505 -10.60 18.44 5.72
C LEU B 505 -11.27 17.25 6.44
N GLU B 506 -12.56 17.40 6.72
CA GLU B 506 -13.25 16.40 7.46
C GLU B 506 -13.66 15.25 6.57
N THR B 507 -13.53 15.37 5.26
CA THR B 507 -13.94 14.31 4.35
C THR B 507 -12.76 13.60 3.78
N MET B 508 -11.63 13.65 4.45
CA MET B 508 -10.30 13.36 3.93
C MET B 508 -9.56 12.69 5.06
N ARG B 509 -8.68 11.76 4.77
CA ARG B 509 -7.99 11.08 5.79
C ARG B 509 -6.96 12.05 6.39
N SER B 510 -6.38 12.88 5.51
CA SER B 510 -5.36 13.80 6.02
C SER B 510 -4.89 14.82 4.99
N LEU B 511 -4.32 15.91 5.47
CA LEU B 511 -3.52 16.73 4.63
C LEU B 511 -2.15 17.06 5.30
N TRP B 512 -1.13 17.24 4.48
CA TRP B 512 0.21 17.43 5.02
C TRP B 512 0.77 18.62 4.26
N MET B 513 1.30 19.66 4.92
CA MET B 513 1.92 20.78 4.22
C MET B 513 3.18 21.08 4.96
N SER B 514 4.29 21.15 4.21
CA SER B 514 5.59 21.44 4.79
C SER B 514 6.39 22.39 3.93
N SER B 515 7.12 23.28 4.56
CA SER B 515 7.78 24.39 3.87
C SER B 515 6.87 25.26 3.07
N CYS B 516 5.59 25.26 3.41
CA CYS B 516 4.65 26.13 2.73
C CYS B 516 4.49 27.46 3.49
N SER B 517 3.35 28.13 3.29
CA SER B 517 3.12 29.46 3.89
C SER B 517 1.96 29.44 4.85
N VAL B 518 1.78 28.35 5.59
CA VAL B 518 0.73 28.24 6.60
C VAL B 518 1.28 28.80 7.93
N SER B 519 0.71 29.93 8.37
CA SER B 519 1.16 30.63 9.61
C SER B 519 0.63 29.91 10.83
N PHE B 520 1.40 30.04 11.91
CA PHE B 520 0.97 29.60 13.23
C PHE B 520 -0.44 30.11 13.62
N GLY B 521 -0.69 31.39 13.36
CA GLY B 521 -2.03 31.97 13.44
C GLY B 521 -3.18 31.14 12.86
N ALA B 522 -3.17 30.96 11.54
CA ALA B 522 -4.11 30.02 10.92
C ALA B 522 -4.12 28.59 11.56
N CYS B 523 -2.99 28.06 11.99
CA CYS B 523 -3.10 26.75 12.63
C CYS B 523 -4.01 26.74 13.85
N LYS B 524 -3.73 27.65 14.79
CA LYS B 524 -4.61 27.87 15.96
C LYS B 524 -6.04 28.09 15.55
N LEU B 525 -6.29 29.03 14.64
CA LEU B 525 -7.69 29.28 14.31
C LEU B 525 -8.35 27.94 13.90
N LEU B 526 -7.73 27.26 12.95
CA LEU B 526 -8.27 25.98 12.41
C LEU B 526 -8.58 24.92 13.47
N GLY B 527 -7.67 24.77 14.43
CA GLY B 527 -7.90 23.90 15.59
C GLY B 527 -9.24 24.23 16.25
N GLN B 528 -9.45 25.52 16.56
CA GLN B 528 -10.67 25.99 17.21
C GLN B 528 -11.91 25.77 16.38
N LYS B 529 -11.85 26.12 15.10
CA LYS B 529 -13.05 25.99 14.34
C LYS B 529 -13.47 24.52 14.33
N MET B 530 -12.46 23.63 14.36
CA MET B 530 -12.62 22.17 14.03
C MET B 530 -12.10 21.23 15.16
N PRO B 531 -12.89 21.12 16.22
CA PRO B 531 -12.49 20.28 17.38
C PRO B 531 -11.97 18.88 16.97
N LYS B 532 -12.70 18.22 16.05
CA LYS B 532 -12.53 16.85 15.55
C LYS B 532 -11.37 16.57 14.52
N LEU B 533 -10.70 17.58 14.03
CA LEU B 533 -9.47 17.37 13.39
C LEU B 533 -8.33 17.42 14.40
N ASN B 534 -7.30 16.57 14.32
CA ASN B 534 -6.09 16.96 14.99
C ASN B 534 -5.33 17.72 13.97
N VAL B 535 -5.00 18.94 14.35
CA VAL B 535 -4.24 19.88 13.52
C VAL B 535 -2.92 19.93 14.22
N GLU B 536 -1.87 19.32 13.65
CA GLU B 536 -0.62 19.16 14.38
C GLU B 536 0.50 19.98 13.79
N VAL B 537 1.09 20.88 14.57
CA VAL B 537 2.27 21.63 14.08
C VAL B 537 3.50 20.85 14.44
N ILE B 538 4.33 20.56 13.44
CA ILE B 538 5.55 19.77 13.64
C ILE B 538 6.61 20.74 13.24
N ASP B 539 7.36 21.19 14.25
CA ASP B 539 8.29 22.29 14.10
C ASP B 539 9.42 22.08 15.04
N GLU B 540 10.59 22.54 14.65
CA GLU B 540 11.81 22.06 15.27
C GLU B 540 12.59 23.22 15.84
N ARG B 541 12.01 24.43 15.82
CA ARG B 541 12.71 25.62 16.34
C ARG B 541 12.09 26.00 17.66
N GLY B 542 11.25 25.13 18.20
CA GLY B 542 10.71 25.33 19.52
C GLY B 542 9.36 26.00 19.49
N ALA B 543 8.91 26.42 20.68
CA ALA B 543 7.55 26.95 20.88
C ALA B 543 7.22 27.94 19.77
N PRO B 544 6.11 27.70 19.10
CA PRO B 544 5.52 28.54 18.04
C PRO B 544 5.08 29.94 18.56
N ASP B 545 4.45 29.96 19.73
CA ASP B 545 4.02 31.20 20.40
C ASP B 545 5.20 32.09 20.82
N SER B 546 6.44 31.60 20.63
CA SER B 546 7.63 32.45 20.80
C SER B 546 8.13 33.03 19.45
N ARG B 547 7.29 32.95 18.42
CA ARG B 547 7.51 33.59 17.14
C ARG B 547 6.22 34.38 16.84
N PRO B 548 6.33 35.55 16.16
CA PRO B 548 5.11 36.23 15.67
C PRO B 548 4.17 35.24 15.03
N GLU B 549 2.94 35.24 15.47
CA GLU B 549 1.95 34.31 14.95
C GLU B 549 1.76 34.32 13.44
N SER B 550 2.21 35.37 12.78
CA SER B 550 2.08 35.41 11.35
C SER B 550 3.14 34.52 10.67
N CYS B 551 4.14 34.06 11.44
CA CYS B 551 5.26 33.27 10.89
C CYS B 551 4.82 31.89 10.47
N PRO B 552 5.24 31.47 9.24
CA PRO B 552 5.00 30.10 8.75
C PRO B 552 5.60 29.07 9.68
N VAL B 553 4.78 28.08 10.09
CA VAL B 553 5.25 26.85 10.68
C VAL B 553 6.00 26.02 9.63
N GLU B 554 6.96 25.21 10.11
CA GLU B 554 7.79 24.30 9.25
C GLU B 554 6.97 23.24 8.51
N ARG B 555 5.92 22.73 9.19
CA ARG B 555 5.15 21.57 8.79
C ARG B 555 3.88 21.57 9.57
N VAL B 556 2.75 21.34 8.94
CA VAL B 556 1.60 21.08 9.76
C VAL B 556 0.95 19.83 9.20
N PHE B 557 0.40 18.96 10.05
CA PHE B 557 -0.20 17.74 9.57
C PHE B 557 -1.62 17.67 10.08
N ILE B 558 -2.61 17.47 9.24
CA ILE B 558 -3.98 17.63 9.68
C ILE B 558 -4.76 16.37 9.39
N TYR B 559 -5.37 15.78 10.39
CA TYR B 559 -6.15 14.60 10.14
C TYR B 559 -7.45 14.46 10.98
N ARG B 560 -8.52 13.97 10.35
CA ARG B 560 -9.69 13.70 11.11
C ARG B 560 -9.41 12.51 12.03
N THR B 561 -10.13 12.50 13.14
CA THR B 561 -10.09 11.43 14.11
C THR B 561 -11.38 11.42 14.91
N VAL B 562 -11.76 10.27 15.46
CA VAL B 562 -12.82 10.19 16.43
C VAL B 562 -12.24 9.95 17.81
N ALA B 563 -10.96 10.21 17.99
CA ALA B 563 -10.29 9.93 19.26
C ALA B 563 -9.71 11.19 19.93
N GLY B 564 -9.86 12.35 19.32
CA GLY B 564 -9.32 13.57 19.94
C GLY B 564 -7.81 13.56 19.93
N PRO B 565 -7.18 14.54 20.61
CA PRO B 565 -5.72 14.70 20.37
C PRO B 565 -4.98 13.50 20.92
N ARG B 566 -3.81 13.21 20.37
CA ARG B 566 -3.11 12.01 20.79
C ARG B 566 -2.29 12.23 22.05
N PHE B 567 -1.95 11.13 22.72
CA PHE B 567 -1.20 11.16 23.95
C PHE B 567 0.31 11.07 23.85
N ASP B 568 0.84 10.90 22.64
CA ASP B 568 2.24 10.60 22.50
C ASP B 568 3.05 11.64 21.75
N MET B 569 2.57 12.86 21.70
CA MET B 569 3.35 13.85 20.98
C MET B 569 4.74 14.09 21.54
N PRO B 570 5.74 14.00 20.69
CA PRO B 570 7.02 14.44 21.23
C PRO B 570 7.05 15.95 21.51
N GLY B 571 8.22 16.42 21.90
CA GLY B 571 8.46 17.83 22.22
C GLY B 571 8.26 18.84 21.11
N PHE B 572 8.37 18.42 19.86
CA PHE B 572 8.32 19.37 18.78
C PHE B 572 6.97 19.25 18.05
N VAL B 573 5.97 18.70 18.71
CA VAL B 573 4.67 18.63 18.10
C VAL B 573 3.61 19.18 19.07
N TRP B 574 2.62 19.88 18.49
CA TRP B 574 1.68 20.71 19.21
C TRP B 574 0.33 20.47 18.57
N ASN B 575 -0.65 20.08 19.36
CA ASN B 575 -2.01 20.02 18.86
C ASN B 575 -2.81 21.38 19.13
N MET B 576 -3.28 22.06 18.06
CA MET B 576 -4.03 23.35 18.11
C MET B 576 -5.47 23.46 18.77
#